data_1IXR
#
_entry.id   1IXR
#
_cell.length_a   61.581
_cell.length_b   195.113
_cell.length_c   246.244
_cell.angle_alpha   90.00
_cell.angle_beta   90.00
_cell.angle_gamma   90.00
#
_symmetry.space_group_name_H-M   'I 2 2 2'
#
loop_
_entity.id
_entity.type
_entity.pdbx_description
1 polymer 'Holliday junction DNA helicase ruvA'
2 polymer RuvB
3 non-polymer 'PHOSPHOAMINOPHOSPHONIC ACID-ADENYLATE ESTER'
#
loop_
_entity_poly.entity_id
_entity_poly.type
_entity_poly.pdbx_seq_one_letter_code
_entity_poly.pdbx_strand_id
1 'polypeptide(L)'
;MIRYLRGLVLKKEAGGFVLLAGGVGFFLQAPTPFLQALEEGKEVGVHTHLLLKEEGLSLYGFPDEENLALFELLLSVSGV
GPKVALALLSALPPRLLARALLEGDARLLTSASGVGRRLAERIALELKGKVPPHLLAGEKVESEAAEEAVMALAALGFKE
AQARAVVLDLLAQNPKARAQDLIKEALKRLR
;
A,B
2 'polypeptide(L)'
;MEDLALRPKTLDEYIGQERLKQKLRVYLEAAKARKEPLEHLLLFGPPGLGKTTLAHVIAHELGVNLRVTSGPAIEKPGDL
AAILANSLEEGDILFIDEIHRLSRQAEEHLYPAMEDFVMDIVIGQGPAARTIRLELPRFTLIGATTRPGLITAPLLSRFG
IVEHLEYYTPEELAQGVMRDARLLGVRITEEAALEIGRRSRGTMRVAKRLFRRVRDFAQVAGEEVITRERALEALAALGL
DELGLEKRDREILEVLILRFGGGPVGLATLATALSEDPGTLEEVHEPYLIRQGLLKRTPRGRVATELARRHL
;
C
#
loop_
_chem_comp.id
_chem_comp.type
_chem_comp.name
_chem_comp.formula
ANP non-polymer 'PHOSPHOAMINOPHOSPHONIC ACID-ADENYLATE ESTER' 'C10 H17 N6 O12 P3'
#
# COMPACT_ATOMS: atom_id res chain seq x y z
N MET A 1 1.53 -51.33 6.64
CA MET A 1 0.67 -51.94 5.59
C MET A 1 0.26 -50.95 4.49
N ILE A 2 0.37 -49.65 4.71
CA ILE A 2 -0.01 -48.75 3.61
C ILE A 2 1.20 -48.63 2.67
N ARG A 3 0.95 -48.81 1.38
CA ARG A 3 2.02 -48.77 0.38
C ARG A 3 1.68 -47.72 -0.63
N TYR A 4 0.39 -47.52 -0.84
CA TYR A 4 -0.06 -46.53 -1.80
C TYR A 4 -1.23 -45.78 -1.19
N LEU A 5 -1.24 -44.47 -1.37
CA LEU A 5 -2.31 -43.65 -0.85
C LEU A 5 -2.60 -42.66 -1.94
N ARG A 6 -3.86 -42.58 -2.33
CA ARG A 6 -4.28 -41.68 -3.39
C ARG A 6 -5.48 -40.87 -2.94
N GLY A 7 -5.26 -39.56 -2.81
CA GLY A 7 -6.31 -38.68 -2.36
C GLY A 7 -5.89 -37.23 -2.43
N LEU A 8 -6.76 -36.37 -1.93
CA LEU A 8 -6.55 -34.92 -1.93
C LEU A 8 -5.49 -34.43 -0.98
N VAL A 9 -4.64 -33.53 -1.45
CA VAL A 9 -3.62 -32.95 -0.59
C VAL A 9 -4.32 -31.82 0.17
N LEU A 10 -4.83 -32.15 1.34
CA LEU A 10 -5.53 -31.21 2.18
C LEU A 10 -4.63 -30.08 2.60
N LYS A 11 -3.35 -30.30 2.80
CA LYS A 11 -2.51 -29.16 3.18
C LYS A 11 -1.00 -29.37 3.18
N LYS A 12 -0.28 -28.81 2.19
CA LYS A 12 1.18 -28.95 2.17
C LYS A 12 1.62 -28.26 3.45
N GLU A 13 2.85 -28.47 3.92
CA GLU A 13 3.13 -27.75 5.13
C GLU A 13 4.54 -27.49 5.64
N ALA A 14 5.51 -28.36 5.38
CA ALA A 14 6.85 -28.05 5.89
C ALA A 14 7.88 -29.10 5.54
N GLY A 15 7.63 -30.31 6.02
CA GLY A 15 8.50 -31.43 5.77
C GLY A 15 7.55 -32.54 5.42
N GLY A 16 6.27 -32.20 5.48
CA GLY A 16 5.21 -33.14 5.15
C GLY A 16 4.00 -32.46 4.52
N PHE A 17 2.87 -33.16 4.53
CA PHE A 17 1.64 -32.65 3.98
C PHE A 17 0.50 -33.54 4.43
N VAL A 18 -0.73 -33.06 4.31
CA VAL A 18 -1.84 -33.88 4.73
C VAL A 18 -2.64 -34.38 3.54
N LEU A 19 -2.85 -35.67 3.47
CA LEU A 19 -3.57 -36.23 2.36
C LEU A 19 -4.87 -36.81 2.86
N LEU A 20 -5.94 -36.43 2.19
CA LEU A 20 -7.27 -36.87 2.56
C LEU A 20 -7.57 -38.17 1.85
N ALA A 21 -7.87 -39.21 2.62
CA ALA A 21 -8.15 -40.50 2.03
C ALA A 21 -9.48 -41.08 2.48
N GLY A 22 -10.55 -40.42 2.06
CA GLY A 22 -11.88 -40.85 2.41
C GLY A 22 -12.20 -40.61 3.87
N GLY A 23 -12.45 -39.35 4.21
CA GLY A 23 -12.78 -38.94 5.57
C GLY A 23 -11.69 -38.99 6.63
N VAL A 24 -10.46 -39.25 6.19
CA VAL A 24 -9.33 -39.35 7.11
C VAL A 24 -8.08 -38.64 6.64
N GLY A 25 -7.65 -37.66 7.43
CA GLY A 25 -6.44 -36.92 7.11
C GLY A 25 -5.15 -37.66 7.44
N PHE A 26 -4.48 -38.16 6.42
CA PHE A 26 -3.21 -38.84 6.65
C PHE A 26 -2.05 -37.82 6.57
N PHE A 27 -1.05 -37.94 7.43
CA PHE A 27 0.06 -37.00 7.31
C PHE A 27 1.38 -37.63 6.91
N LEU A 28 1.93 -37.22 5.78
CA LEU A 28 3.16 -37.81 5.36
C LEU A 28 4.32 -36.86 5.24
N GLN A 29 5.49 -37.32 5.66
CA GLN A 29 6.72 -36.56 5.53
C GLN A 29 7.08 -37.02 4.12
N ALA A 30 7.93 -36.29 3.37
CA ALA A 30 8.29 -36.69 2.01
C ALA A 30 9.44 -35.83 1.57
N PRO A 31 10.16 -36.21 0.51
CA PRO A 31 11.31 -35.47 -0.01
C PRO A 31 10.99 -34.04 -0.44
N THR A 32 11.81 -33.10 0.04
CA THR A 32 11.67 -31.68 -0.25
C THR A 32 11.26 -31.47 -1.69
N PRO A 33 12.08 -31.93 -2.63
CA PRO A 33 11.69 -31.74 -4.02
C PRO A 33 10.22 -32.11 -4.16
N PHE A 34 9.94 -33.41 -4.12
CA PHE A 34 8.57 -33.85 -4.26
C PHE A 34 7.72 -32.87 -3.53
N LEU A 35 8.05 -32.68 -2.27
CA LEU A 35 7.28 -31.77 -1.45
C LEU A 35 6.87 -30.47 -2.14
N GLN A 36 7.83 -29.74 -2.68
CA GLN A 36 7.52 -28.48 -3.37
C GLN A 36 6.70 -28.72 -4.64
N ALA A 37 7.17 -29.65 -5.47
CA ALA A 37 6.46 -29.97 -6.69
C ALA A 37 4.99 -30.11 -6.36
N LEU A 38 4.70 -30.93 -5.36
CA LEU A 38 3.34 -31.19 -4.89
C LEU A 38 2.41 -29.97 -4.83
N GLU A 39 1.31 -30.00 -5.60
CA GLU A 39 0.37 -28.87 -5.55
C GLU A 39 -0.88 -29.17 -4.69
N GLU A 40 -1.01 -28.46 -3.58
CA GLU A 40 -2.12 -28.67 -2.65
C GLU A 40 -3.46 -28.22 -3.14
N GLY A 41 -4.49 -28.99 -2.79
CA GLY A 41 -5.83 -28.66 -3.19
C GLY A 41 -6.28 -29.62 -4.26
N LYS A 42 -5.35 -30.37 -4.83
CA LYS A 42 -5.72 -31.32 -5.87
C LYS A 42 -5.45 -32.78 -5.47
N GLU A 43 -5.63 -33.69 -6.43
CA GLU A 43 -5.43 -35.09 -6.13
C GLU A 43 -3.97 -35.48 -6.33
N VAL A 44 -3.65 -36.67 -5.84
CA VAL A 44 -2.31 -37.22 -5.91
C VAL A 44 -2.31 -38.61 -5.31
N GLY A 45 -1.49 -39.47 -5.90
CA GLY A 45 -1.32 -40.82 -5.42
C GLY A 45 0.14 -40.79 -5.07
N VAL A 46 0.56 -41.51 -4.04
CA VAL A 46 1.98 -41.51 -3.68
C VAL A 46 2.33 -42.81 -3.02
N HIS A 47 3.31 -43.51 -3.58
CA HIS A 47 3.73 -44.78 -3.02
C HIS A 47 4.38 -44.45 -1.71
N THR A 48 3.77 -44.98 -0.66
CA THR A 48 4.16 -44.74 0.72
C THR A 48 4.85 -45.88 1.45
N HIS A 49 5.23 -45.55 2.68
CA HIS A 49 5.88 -46.49 3.56
C HIS A 49 5.54 -46.15 5.00
N LEU A 50 4.85 -47.07 5.67
CA LEU A 50 4.41 -46.88 7.04
C LEU A 50 5.46 -47.34 8.00
N LEU A 51 5.88 -46.45 8.86
CA LEU A 51 6.94 -46.76 9.81
C LEU A 51 6.55 -46.62 11.26
N LEU A 52 6.67 -47.70 12.02
CA LEU A 52 6.29 -47.65 13.41
C LEU A 52 7.44 -47.21 14.29
N LYS A 53 7.09 -46.70 15.47
CA LYS A 53 8.06 -46.21 16.43
C LYS A 53 7.58 -46.30 17.87
N GLU A 54 8.45 -45.87 18.79
CA GLU A 54 8.14 -45.84 20.22
C GLU A 54 6.92 -44.95 20.29
N GLU A 55 7.02 -43.80 19.65
CA GLU A 55 5.94 -42.86 19.61
C GLU A 55 4.76 -43.59 19.01
N GLY A 56 4.83 -43.78 17.68
CA GLY A 56 3.79 -44.46 16.94
C GLY A 56 4.03 -44.37 15.45
N LEU A 57 3.05 -44.77 14.66
CA LEU A 57 3.15 -44.75 13.21
C LEU A 57 3.76 -43.48 12.62
N SER A 58 4.25 -43.58 11.39
CA SER A 58 4.86 -42.48 10.64
C SER A 58 4.75 -42.90 9.18
N LEU A 59 4.06 -42.11 8.36
CA LEU A 59 3.94 -42.46 6.95
C LEU A 59 4.99 -41.71 6.17
N TYR A 60 5.30 -42.21 4.99
CA TYR A 60 6.27 -41.55 4.15
C TYR A 60 5.82 -41.75 2.74
N GLY A 61 5.31 -40.69 2.15
CA GLY A 61 4.87 -40.82 0.80
C GLY A 61 5.95 -40.38 -0.15
N PHE A 62 5.99 -41.01 -1.31
CA PHE A 62 6.93 -40.68 -2.35
C PHE A 62 6.19 -40.78 -3.67
N PRO A 63 6.74 -40.18 -4.73
CA PRO A 63 6.15 -40.18 -6.07
C PRO A 63 6.26 -41.44 -6.89
N ASP A 64 7.03 -42.42 -6.45
CA ASP A 64 7.17 -43.63 -7.25
C ASP A 64 7.78 -44.85 -6.57
N GLU A 65 7.56 -46.01 -7.19
CA GLU A 65 8.08 -47.27 -6.68
C GLU A 65 9.55 -46.96 -6.55
N GLU A 66 9.97 -46.06 -7.43
CA GLU A 66 11.34 -45.62 -7.52
C GLU A 66 11.94 -45.07 -6.23
N ASN A 67 11.52 -43.86 -5.87
CA ASN A 67 11.99 -43.19 -4.65
C ASN A 67 11.72 -44.00 -3.42
N LEU A 68 10.50 -44.51 -3.35
CA LEU A 68 10.08 -45.37 -2.27
C LEU A 68 11.16 -46.40 -2.01
N ALA A 69 11.47 -47.13 -3.08
CA ALA A 69 12.47 -48.18 -3.07
C ALA A 69 13.80 -47.70 -2.48
N LEU A 70 14.28 -46.54 -2.89
CA LEU A 70 15.53 -46.04 -2.35
C LEU A 70 15.36 -45.70 -0.87
N PHE A 71 14.20 -45.12 -0.56
CA PHE A 71 13.90 -44.72 0.80
C PHE A 71 13.99 -45.92 1.66
N GLU A 72 13.30 -46.97 1.22
CA GLU A 72 13.30 -48.19 2.00
C GLU A 72 14.69 -48.78 2.12
N LEU A 73 15.42 -48.77 1.02
CA LEU A 73 16.75 -49.35 1.04
C LEU A 73 17.58 -48.57 2.01
N LEU A 74 17.61 -47.26 1.89
CA LEU A 74 18.41 -46.51 2.83
C LEU A 74 18.03 -46.79 4.31
N LEU A 75 16.74 -46.99 4.56
CA LEU A 75 16.28 -47.25 5.91
C LEU A 75 16.94 -48.44 6.61
N SER A 76 17.43 -49.41 5.84
CA SER A 76 18.06 -50.60 6.44
C SER A 76 19.57 -50.56 6.58
N VAL A 77 20.10 -49.74 7.47
CA VAL A 77 21.53 -49.67 7.61
C VAL A 77 21.96 -49.53 9.07
N SER A 78 21.80 -48.33 9.64
CA SER A 78 22.12 -48.01 11.03
C SER A 78 21.80 -46.54 11.20
N GLY A 79 22.22 -45.73 10.24
CA GLY A 79 21.84 -44.33 10.24
C GLY A 79 20.61 -44.56 9.36
N VAL A 80 19.60 -45.10 10.04
CA VAL A 80 18.32 -45.48 9.46
C VAL A 80 17.46 -44.20 9.40
N GLY A 81 18.12 -43.12 9.78
CA GLY A 81 17.46 -41.84 9.80
C GLY A 81 16.48 -41.58 8.67
N PRO A 82 15.18 -41.79 8.88
CA PRO A 82 14.30 -41.48 7.76
C PRO A 82 14.65 -40.00 7.49
N LYS A 83 15.22 -39.36 8.50
CA LYS A 83 15.60 -37.99 8.30
C LYS A 83 16.69 -38.16 7.24
N VAL A 84 17.86 -38.67 7.63
CA VAL A 84 18.97 -38.90 6.70
C VAL A 84 18.44 -39.46 5.39
N ALA A 85 17.57 -40.46 5.50
CA ALA A 85 16.95 -41.07 4.33
C ALA A 85 16.42 -39.91 3.52
N LEU A 86 15.42 -39.22 4.07
CA LEU A 86 14.88 -38.08 3.34
C LEU A 86 16.02 -37.09 3.06
N ALA A 87 16.96 -36.94 3.97
CA ALA A 87 18.03 -36.02 3.71
C ALA A 87 18.61 -36.32 2.33
N LEU A 88 19.11 -37.54 2.14
CA LEU A 88 19.72 -37.98 0.88
C LEU A 88 18.81 -37.86 -0.33
N LEU A 89 17.63 -38.47 -0.25
CA LEU A 89 16.65 -38.42 -1.33
C LEU A 89 16.24 -37.00 -1.73
N SER A 90 16.53 -36.03 -0.87
CA SER A 90 16.17 -34.66 -1.16
C SER A 90 17.29 -33.96 -1.87
N ALA A 91 18.51 -34.39 -1.56
CA ALA A 91 19.69 -33.79 -2.16
C ALA A 91 20.04 -34.37 -3.52
N LEU A 92 19.96 -35.67 -3.66
CA LEU A 92 20.29 -36.26 -4.94
C LEU A 92 19.10 -36.96 -5.55
N PRO A 93 18.93 -36.82 -6.87
CA PRO A 93 17.82 -37.46 -7.58
C PRO A 93 18.02 -38.98 -7.50
N PRO A 94 16.93 -39.75 -7.54
CA PRO A 94 17.04 -41.22 -7.45
C PRO A 94 18.15 -41.83 -8.30
N ARG A 95 18.26 -41.38 -9.55
CA ARG A 95 19.27 -41.87 -10.48
C ARG A 95 20.68 -41.71 -9.92
N LEU A 96 21.07 -40.48 -9.65
CA LEU A 96 22.40 -40.22 -9.09
C LEU A 96 22.55 -41.02 -7.80
N LEU A 97 21.56 -40.99 -6.92
CA LEU A 97 21.67 -41.76 -5.68
C LEU A 97 21.98 -43.23 -6.00
N ALA A 98 20.99 -43.93 -6.54
CA ALA A 98 21.17 -45.34 -6.89
C ALA A 98 22.53 -45.60 -7.53
N ARG A 99 22.92 -44.78 -8.51
CA ARG A 99 24.22 -44.96 -9.12
C ARG A 99 25.29 -44.70 -8.06
N ALA A 100 25.08 -43.70 -7.20
CA ALA A 100 26.05 -43.39 -6.13
C ALA A 100 26.06 -44.48 -5.08
N LEU A 101 24.89 -44.75 -4.51
CA LEU A 101 24.79 -45.78 -3.51
C LEU A 101 25.58 -46.92 -4.10
N LEU A 102 25.03 -47.58 -5.11
CA LEU A 102 25.67 -48.72 -5.79
C LEU A 102 27.19 -48.59 -6.06
N GLU A 103 27.60 -47.59 -6.82
CA GLU A 103 29.02 -47.44 -7.08
C GLU A 103 29.62 -46.86 -5.80
N GLY A 104 28.86 -46.90 -4.71
CA GLY A 104 29.31 -46.34 -3.43
C GLY A 104 30.02 -45.00 -3.49
N ASP A 105 29.34 -43.94 -3.92
CA ASP A 105 29.98 -42.62 -4.01
C ASP A 105 29.81 -41.74 -2.78
N ALA A 106 30.74 -41.83 -1.86
CA ALA A 106 30.64 -41.01 -0.67
C ALA A 106 31.02 -39.58 -1.06
N ARG A 107 31.87 -39.48 -2.08
CA ARG A 107 32.32 -38.19 -2.57
C ARG A 107 31.14 -37.40 -3.13
N LEU A 108 29.93 -37.76 -2.70
CA LEU A 108 28.73 -37.09 -3.15
C LEU A 108 27.72 -37.02 -2.01
N LEU A 109 27.30 -38.20 -1.54
CA LEU A 109 26.34 -38.35 -0.45
C LEU A 109 26.33 -37.20 0.56
N THR A 110 27.52 -36.77 0.97
CA THR A 110 27.69 -35.69 1.92
C THR A 110 26.82 -34.44 1.67
N SER A 111 26.35 -34.28 0.43
CA SER A 111 25.47 -33.16 0.06
C SER A 111 24.31 -33.15 1.01
N ALA A 112 23.67 -34.31 1.14
CA ALA A 112 22.54 -34.47 2.05
C ALA A 112 22.96 -33.88 3.38
N SER A 113 22.01 -33.27 4.08
CA SER A 113 22.34 -32.67 5.37
C SER A 113 22.31 -33.71 6.49
N GLY A 114 23.33 -33.69 7.34
CA GLY A 114 23.37 -34.66 8.42
C GLY A 114 24.23 -35.88 8.12
N VAL A 115 24.57 -36.07 6.84
CA VAL A 115 25.40 -37.19 6.41
C VAL A 115 26.86 -36.75 6.34
N GLY A 116 27.58 -36.86 7.45
CA GLY A 116 28.98 -36.49 7.42
C GLY A 116 29.74 -37.46 6.54
N ARG A 117 31.07 -37.37 6.55
CA ARG A 117 31.87 -38.29 5.74
C ARG A 117 31.55 -39.70 6.23
N ARG A 118 31.86 -39.93 7.50
CA ARG A 118 31.65 -41.21 8.20
C ARG A 118 30.37 -41.90 7.81
N LEU A 119 29.23 -41.35 8.19
CA LEU A 119 27.96 -41.99 7.84
C LEU A 119 27.95 -42.41 6.39
N ALA A 120 27.96 -41.45 5.47
CA ALA A 120 27.95 -41.78 4.05
C ALA A 120 29.02 -42.82 3.74
N GLU A 121 30.23 -42.57 4.23
CA GLU A 121 31.35 -43.46 4.03
C GLU A 121 30.92 -44.86 4.42
N ARG A 122 30.32 -45.00 5.61
CA ARG A 122 29.88 -46.31 6.04
C ARG A 122 28.43 -46.55 5.74
N ILE A 123 27.97 -46.06 4.59
CA ILE A 123 26.61 -46.25 4.12
C ILE A 123 26.80 -46.97 2.80
N ALA A 124 27.83 -46.55 2.08
CA ALA A 124 28.13 -47.16 0.80
C ALA A 124 28.58 -48.58 1.07
N LEU A 125 29.53 -48.72 2.00
CA LEU A 125 30.03 -50.02 2.38
C LEU A 125 28.86 -50.88 2.78
N GLU A 126 28.00 -50.35 3.64
CA GLU A 126 26.89 -51.17 4.09
C GLU A 126 26.03 -51.65 2.93
N LEU A 127 25.95 -50.86 1.87
CA LEU A 127 25.08 -51.25 0.77
C LEU A 127 25.78 -51.78 -0.48
N LYS A 128 27.08 -52.04 -0.33
CA LYS A 128 27.89 -52.58 -1.41
C LYS A 128 27.09 -53.66 -2.09
N GLY A 129 26.71 -53.41 -3.34
CA GLY A 129 25.95 -54.38 -4.06
C GLY A 129 24.66 -54.79 -3.39
N LYS A 130 23.83 -53.80 -3.09
CA LYS A 130 22.52 -54.06 -2.50
C LYS A 130 21.63 -53.15 -3.32
N VAL A 131 22.26 -52.24 -4.03
CA VAL A 131 21.53 -51.31 -4.86
C VAL A 131 21.22 -52.08 -6.14
N PRO A 132 19.94 -52.48 -6.32
CA PRO A 132 19.40 -53.23 -7.47
C PRO A 132 19.52 -52.50 -8.81
N PRO A 133 20.06 -53.19 -9.83
CA PRO A 133 20.27 -52.69 -11.19
C PRO A 133 19.26 -51.64 -11.66
N HIS A 134 17.99 -51.96 -11.49
CA HIS A 134 16.89 -51.08 -11.88
C HIS A 134 17.16 -49.58 -11.59
N LEU A 135 18.07 -48.96 -12.31
CA LEU A 135 18.34 -47.55 -12.04
C LEU A 135 18.25 -46.63 -13.26
N MET B 1 0.22 -40.63 12.20
CA MET B 1 -0.31 -41.00 10.87
C MET B 1 -1.66 -40.35 10.74
N ILE B 2 -2.59 -40.71 11.62
CA ILE B 2 -3.90 -40.02 11.59
C ILE B 2 -3.73 -38.61 12.19
N ARG B 3 -4.04 -37.59 11.40
CA ARG B 3 -3.91 -36.25 11.89
C ARG B 3 -5.25 -35.55 11.86
N TYR B 4 -6.05 -35.84 10.84
CA TYR B 4 -7.35 -35.23 10.71
C TYR B 4 -8.47 -36.27 10.59
N LEU B 5 -9.70 -35.90 10.97
CA LEU B 5 -10.87 -36.79 10.93
C LEU B 5 -12.20 -36.05 10.99
N ARG B 6 -13.20 -36.57 10.28
CA ARG B 6 -14.54 -35.97 10.28
C ARG B 6 -15.57 -37.02 10.67
N GLY B 7 -16.49 -36.68 11.57
CA GLY B 7 -17.52 -37.62 11.99
C GLY B 7 -18.39 -37.04 13.07
N LEU B 8 -19.36 -37.80 13.57
CA LEU B 8 -20.27 -37.27 14.60
C LEU B 8 -19.68 -37.31 15.98
N VAL B 9 -20.18 -36.48 16.85
CA VAL B 9 -19.65 -36.49 18.19
C VAL B 9 -20.32 -37.55 19.07
N LEU B 10 -20.75 -38.65 18.44
CA LEU B 10 -21.40 -39.79 19.09
C LEU B 10 -21.66 -39.76 20.60
N LYS B 11 -20.66 -39.43 21.42
CA LYS B 11 -20.88 -39.37 22.84
C LYS B 11 -19.69 -38.70 23.48
N LYS B 12 -19.94 -37.72 24.35
CA LYS B 12 -18.87 -36.96 25.01
C LYS B 12 -18.38 -37.58 26.30
N GLU B 13 -17.57 -36.84 27.02
CA GLU B 13 -17.03 -37.35 28.27
C GLU B 13 -16.14 -36.39 29.05
N ALA B 14 -15.87 -36.78 30.31
CA ALA B 14 -15.06 -36.01 31.24
C ALA B 14 -13.85 -35.37 30.56
N GLY B 15 -13.04 -36.20 29.91
CA GLY B 15 -11.86 -35.71 29.23
C GLY B 15 -11.70 -36.39 27.89
N GLY B 16 -12.79 -36.99 27.41
CA GLY B 16 -12.76 -37.71 26.15
C GLY B 16 -14.04 -37.57 25.35
N PHE B 17 -14.13 -38.21 24.19
CA PHE B 17 -15.31 -38.11 23.37
C PHE B 17 -15.21 -39.08 22.18
N VAL B 18 -16.32 -39.49 21.57
CA VAL B 18 -16.16 -40.42 20.46
C VAL B 18 -16.61 -39.94 19.08
N LEU B 19 -15.68 -40.04 18.13
CA LEU B 19 -15.91 -39.61 16.75
C LEU B 19 -16.23 -40.71 15.78
N LEU B 20 -17.46 -40.69 15.30
CA LEU B 20 -17.90 -41.69 14.37
C LEU B 20 -17.64 -41.22 12.99
N ALA B 21 -16.40 -41.40 12.55
CA ALA B 21 -15.96 -41.03 11.21
C ALA B 21 -16.13 -42.39 10.58
N GLY B 22 -16.23 -42.45 9.25
CA GLY B 22 -16.42 -43.74 8.59
C GLY B 22 -17.55 -44.50 9.28
N GLY B 23 -17.26 -45.71 9.73
CA GLY B 23 -18.25 -46.51 10.41
C GLY B 23 -17.68 -46.83 11.77
N VAL B 24 -16.48 -46.32 11.97
CA VAL B 24 -15.73 -46.51 13.18
C VAL B 24 -15.99 -45.48 14.25
N GLY B 25 -16.14 -45.96 15.47
CA GLY B 25 -16.33 -45.09 16.62
C GLY B 25 -14.95 -44.94 17.25
N PHE B 26 -14.26 -43.87 16.89
CA PHE B 26 -12.94 -43.56 17.41
C PHE B 26 -13.05 -42.85 18.79
N PHE B 27 -12.18 -43.16 19.73
CA PHE B 27 -12.28 -42.48 21.01
C PHE B 27 -11.06 -41.68 21.30
N LEU B 28 -11.22 -40.37 21.36
CA LEU B 28 -10.08 -39.50 21.57
C LEU B 28 -10.24 -38.54 22.71
N GLN B 29 -9.14 -38.28 23.40
CA GLN B 29 -9.12 -37.34 24.51
C GLN B 29 -8.81 -35.97 23.95
N ALA B 30 -9.31 -34.94 24.62
CA ALA B 30 -9.11 -33.60 24.14
C ALA B 30 -9.03 -32.56 25.25
N PRO B 31 -8.67 -31.32 24.92
CA PRO B 31 -8.64 -30.41 26.05
C PRO B 31 -10.05 -29.95 26.51
N THR B 32 -10.25 -29.93 27.82
CA THR B 32 -11.51 -29.51 28.42
C THR B 32 -12.10 -28.38 27.58
N PRO B 33 -11.41 -27.24 27.46
CA PRO B 33 -12.05 -26.22 26.63
C PRO B 33 -12.71 -26.82 25.42
N PHE B 34 -11.89 -27.28 24.47
CA PHE B 34 -12.33 -27.89 23.22
C PHE B 34 -13.40 -28.89 23.50
N LEU B 35 -13.16 -29.69 24.51
CA LEU B 35 -14.09 -30.71 24.85
C LEU B 35 -15.51 -30.20 25.09
N GLN B 36 -15.64 -29.13 25.88
CA GLN B 36 -16.93 -28.50 26.21
C GLN B 36 -17.65 -27.88 25.01
N ALA B 37 -16.90 -27.18 24.15
CA ALA B 37 -17.46 -26.55 22.98
C ALA B 37 -17.85 -27.63 21.98
N LEU B 38 -17.96 -28.85 22.49
CA LEU B 38 -18.28 -30.03 21.68
C LEU B 38 -19.69 -30.56 21.97
N GLU B 39 -20.52 -30.71 20.94
CA GLU B 39 -21.90 -31.17 21.15
C GLU B 39 -22.36 -32.40 20.34
N GLU B 40 -22.66 -33.48 21.05
CA GLU B 40 -23.10 -34.74 20.46
C GLU B 40 -24.04 -34.48 19.31
N GLY B 41 -23.90 -35.26 18.24
CA GLY B 41 -24.79 -35.12 17.10
C GLY B 41 -24.36 -34.32 15.89
N LYS B 42 -23.54 -33.29 16.09
CA LYS B 42 -23.08 -32.49 14.96
C LYS B 42 -21.75 -32.97 14.41
N GLU B 43 -21.60 -32.88 13.09
CA GLU B 43 -20.35 -33.27 12.45
C GLU B 43 -19.27 -32.34 13.00
N VAL B 44 -18.02 -32.74 12.84
CA VAL B 44 -16.93 -31.93 13.35
C VAL B 44 -15.62 -32.41 12.80
N GLY B 45 -14.66 -31.51 12.68
CA GLY B 45 -13.38 -31.92 12.19
C GLY B 45 -12.48 -31.95 13.41
N VAL B 46 -11.54 -32.86 13.42
CA VAL B 46 -10.66 -32.89 14.56
C VAL B 46 -9.21 -33.05 14.14
N HIS B 47 -8.33 -32.23 14.74
CA HIS B 47 -6.91 -32.31 14.48
C HIS B 47 -6.40 -33.30 15.50
N THR B 48 -6.29 -34.54 15.04
CA THR B 48 -5.90 -35.68 15.85
C THR B 48 -4.42 -35.90 16.01
N HIS B 49 -4.05 -36.77 16.94
CA HIS B 49 -2.67 -37.16 17.12
C HIS B 49 -2.54 -38.59 17.64
N LEU B 50 -2.30 -39.58 16.77
CA LEU B 50 -2.19 -40.97 17.20
C LEU B 50 -1.09 -41.05 18.21
N LEU B 51 -0.93 -42.22 18.80
CA LEU B 51 0.10 -42.43 19.79
C LEU B 51 0.14 -43.88 20.21
N LEU B 52 1.16 -44.61 19.78
CA LEU B 52 1.26 -46.00 20.19
C LEU B 52 1.46 -46.11 21.70
N LYS B 53 1.69 -47.33 22.16
CA LYS B 53 1.86 -47.61 23.58
C LYS B 53 2.31 -49.06 23.68
N GLU B 54 2.19 -49.66 24.87
CA GLU B 54 2.54 -51.06 25.04
C GLU B 54 1.33 -51.90 25.38
N GLU B 55 0.14 -51.28 25.37
CA GLU B 55 -1.09 -52.00 25.65
C GLU B 55 -2.20 -51.66 24.65
N GLY B 56 -2.05 -50.54 23.96
CA GLY B 56 -3.07 -50.14 23.00
C GLY B 56 -2.59 -48.92 22.24
N LEU B 57 -3.50 -48.27 21.54
CA LEU B 57 -3.18 -47.06 20.78
C LEU B 57 -4.04 -45.95 21.37
N SER B 58 -3.56 -44.71 21.37
CA SER B 58 -4.33 -43.59 21.93
C SER B 58 -4.54 -42.45 20.94
N LEU B 59 -5.71 -41.82 21.01
CA LEU B 59 -6.00 -40.73 20.12
C LEU B 59 -6.28 -39.49 20.93
N TYR B 60 -5.67 -38.38 20.52
CA TYR B 60 -5.82 -37.11 21.19
C TYR B 60 -6.29 -36.08 20.16
N GLY B 61 -7.45 -35.48 20.39
CA GLY B 61 -8.00 -34.51 19.44
C GLY B 61 -7.79 -33.07 19.84
N PHE B 62 -7.84 -32.16 18.88
CA PHE B 62 -7.62 -30.73 19.15
C PHE B 62 -8.47 -29.87 18.26
N PRO B 63 -8.82 -28.68 18.73
CA PRO B 63 -9.64 -27.75 17.97
C PRO B 63 -9.10 -27.33 16.62
N ASP B 64 -7.82 -26.96 16.58
CA ASP B 64 -7.17 -26.44 15.37
C ASP B 64 -5.69 -26.78 15.32
N GLU B 65 -5.12 -26.74 14.11
CA GLU B 65 -3.72 -27.06 13.92
C GLU B 65 -2.86 -26.46 15.05
N GLU B 66 -3.11 -25.19 15.38
CA GLU B 66 -2.35 -24.52 16.44
C GLU B 66 -2.21 -25.41 17.65
N ASN B 67 -3.35 -25.72 18.25
CA ASN B 67 -3.37 -26.56 19.43
C ASN B 67 -2.54 -27.81 19.25
N LEU B 68 -2.90 -28.60 18.22
CA LEU B 68 -2.24 -29.86 17.89
C LEU B 68 -0.76 -29.64 17.97
N ALA B 69 -0.34 -28.57 17.32
CA ALA B 69 1.03 -28.16 17.31
C ALA B 69 1.60 -28.17 18.72
N LEU B 70 1.05 -27.33 19.59
CA LEU B 70 1.57 -27.31 20.95
C LEU B 70 1.59 -28.70 21.55
N PHE B 71 0.43 -29.38 21.53
CA PHE B 71 0.32 -30.72 22.12
C PHE B 71 1.52 -31.56 21.74
N GLU B 72 1.88 -31.52 20.46
CA GLU B 72 3.02 -32.32 20.04
C GLU B 72 4.20 -31.68 20.71
N LEU B 73 4.59 -30.51 20.19
CA LEU B 73 5.73 -29.78 20.72
C LEU B 73 5.85 -30.12 22.19
N LEU B 74 4.76 -29.95 22.92
CA LEU B 74 4.73 -30.22 24.34
C LEU B 74 5.27 -31.61 24.63
N LEU B 75 4.68 -32.63 23.99
CA LEU B 75 5.10 -34.03 24.16
C LEU B 75 6.56 -34.20 23.81
N SER B 76 7.06 -33.26 22.99
CA SER B 76 8.43 -33.23 22.53
C SER B 76 9.34 -33.29 23.71
N VAL B 77 9.01 -32.56 24.79
CA VAL B 77 9.85 -32.56 25.98
C VAL B 77 9.92 -33.91 26.69
N SER B 78 11.05 -34.16 27.32
CA SER B 78 11.27 -35.41 28.05
C SER B 78 10.52 -35.33 29.36
N GLY B 79 9.65 -36.30 29.63
CA GLY B 79 8.91 -36.31 30.88
C GLY B 79 7.47 -35.83 30.80
N VAL B 80 7.19 -34.95 29.86
CA VAL B 80 5.85 -34.45 29.69
C VAL B 80 5.08 -35.47 28.90
N GLY B 81 3.91 -35.87 29.37
CA GLY B 81 3.12 -36.83 28.64
C GLY B 81 1.86 -36.20 28.08
N PRO B 82 0.92 -37.02 27.55
CA PRO B 82 -0.32 -36.52 26.98
C PRO B 82 -1.16 -35.82 28.03
N LYS B 83 -1.23 -36.43 29.20
CA LYS B 83 -2.02 -35.87 30.27
C LYS B 83 -1.57 -34.43 30.50
N VAL B 84 -0.31 -34.28 30.93
CA VAL B 84 0.24 -32.97 31.20
C VAL B 84 0.08 -32.05 30.03
N ALA B 85 0.63 -32.44 28.89
CA ALA B 85 0.54 -31.57 27.73
C ALA B 85 -0.92 -31.12 27.63
N LEU B 86 -1.82 -32.09 27.74
CA LEU B 86 -3.23 -31.80 27.66
C LEU B 86 -3.58 -30.75 28.71
N ALA B 87 -3.25 -31.00 29.99
CA ALA B 87 -3.55 -30.03 31.07
C ALA B 87 -3.19 -28.63 30.59
N LEU B 88 -1.89 -28.43 30.46
CA LEU B 88 -1.37 -27.18 29.97
C LEU B 88 -2.29 -26.67 28.86
N LEU B 89 -2.56 -27.47 27.86
CA LEU B 89 -3.42 -26.98 26.79
C LEU B 89 -4.83 -26.67 27.26
N SER B 90 -5.29 -27.44 28.23
CA SER B 90 -6.64 -27.23 28.74
C SER B 90 -6.72 -26.01 29.65
N ALA B 91 -5.59 -25.63 30.24
CA ALA B 91 -5.57 -24.48 31.12
C ALA B 91 -5.54 -23.15 30.37
N LEU B 92 -4.35 -22.60 30.15
CA LEU B 92 -4.23 -21.32 29.44
C LEU B 92 -4.34 -21.42 27.92
N PRO B 93 -4.88 -20.37 27.28
CA PRO B 93 -5.07 -20.26 25.82
C PRO B 93 -3.78 -20.54 25.07
N PRO B 94 -3.87 -21.14 23.89
CA PRO B 94 -2.69 -21.45 23.10
C PRO B 94 -1.74 -20.27 22.96
N ARG B 95 -2.22 -19.22 22.30
CA ARG B 95 -1.39 -18.04 22.10
C ARG B 95 -0.52 -17.79 23.33
N LEU B 96 -1.17 -17.50 24.47
CA LEU B 96 -0.49 -17.23 25.72
C LEU B 96 0.45 -18.38 26.12
N LEU B 97 0.09 -19.60 25.75
CA LEU B 97 0.92 -20.73 26.09
C LEU B 97 2.13 -20.78 25.15
N ALA B 98 1.92 -20.37 23.91
CA ALA B 98 2.99 -20.37 22.92
C ALA B 98 4.08 -19.43 23.40
N ARG B 99 3.66 -18.22 23.74
CA ARG B 99 4.54 -17.18 24.25
C ARG B 99 5.25 -17.80 25.44
N ALA B 100 4.48 -18.06 26.49
CA ALA B 100 5.01 -18.66 27.71
C ALA B 100 6.08 -19.71 27.42
N LEU B 101 5.74 -20.66 26.56
CA LEU B 101 6.64 -21.75 26.19
C LEU B 101 7.93 -21.23 25.61
N LEU B 102 7.81 -20.21 24.77
CA LEU B 102 8.98 -19.64 24.14
C LEU B 102 9.86 -19.00 25.21
N GLU B 103 9.33 -17.92 25.77
CA GLU B 103 9.99 -17.14 26.82
C GLU B 103 10.45 -18.01 27.96
N GLY B 104 9.56 -18.81 28.52
CA GLY B 104 9.96 -19.70 29.59
C GLY B 104 9.29 -19.51 30.92
N ASP B 105 8.01 -19.15 30.91
CA ASP B 105 7.29 -18.92 32.16
C ASP B 105 7.01 -20.20 32.95
N ALA B 106 8.03 -20.72 33.64
CA ALA B 106 7.84 -21.90 34.47
C ALA B 106 6.87 -21.43 35.58
N ARG B 107 6.81 -20.11 35.75
CA ARG B 107 5.92 -19.53 36.74
C ARG B 107 4.49 -19.65 36.20
N LEU B 108 4.27 -19.18 34.98
CA LEU B 108 2.94 -19.24 34.40
C LEU B 108 2.46 -20.67 34.15
N LEU B 109 3.39 -21.53 33.76
CA LEU B 109 3.03 -22.92 33.50
C LEU B 109 2.48 -23.54 34.75
N THR B 110 3.27 -23.49 35.82
CA THR B 110 2.83 -24.06 37.10
C THR B 110 1.40 -23.61 37.33
N SER B 111 1.16 -22.33 37.02
CA SER B 111 -0.15 -21.70 37.16
C SER B 111 -1.17 -22.31 36.20
N ALA B 112 -1.52 -23.57 36.45
CA ALA B 112 -2.44 -24.28 35.60
C ALA B 112 -2.53 -25.72 36.05
N SER B 113 -3.76 -26.26 36.10
CA SER B 113 -4.02 -27.65 36.51
C SER B 113 -2.86 -28.56 36.08
N GLY B 114 -2.53 -29.57 36.86
CA GLY B 114 -1.39 -30.40 36.49
C GLY B 114 -0.17 -29.51 36.75
N VAL B 115 -0.47 -28.50 37.57
CA VAL B 115 0.50 -27.51 38.01
C VAL B 115 1.79 -28.22 38.41
N GLY B 116 2.75 -28.25 37.51
CA GLY B 116 4.02 -28.87 37.84
C GLY B 116 5.04 -27.87 38.35
N ARG B 117 5.58 -28.07 39.55
CA ARG B 117 6.57 -27.14 40.06
C ARG B 117 7.81 -27.22 39.18
N ARG B 118 8.68 -28.19 39.44
CA ARG B 118 9.90 -28.32 38.64
C ARG B 118 9.58 -28.74 37.21
N LEU B 119 8.45 -29.42 37.02
CA LEU B 119 8.12 -29.84 35.65
C LEU B 119 7.88 -28.63 34.80
N ALA B 120 7.12 -27.69 35.32
CA ALA B 120 6.82 -26.49 34.57
C ALA B 120 8.17 -25.89 34.20
N GLU B 121 9.15 -26.08 35.08
CA GLU B 121 10.49 -25.58 34.82
C GLU B 121 11.18 -26.35 33.69
N ARG B 122 11.32 -27.67 33.84
CA ARG B 122 11.94 -28.44 32.77
C ARG B 122 11.29 -27.99 31.45
N ILE B 123 10.01 -28.28 31.29
CA ILE B 123 9.25 -27.89 30.11
C ILE B 123 9.64 -26.48 29.68
N ALA B 124 10.00 -25.63 30.63
CA ALA B 124 10.35 -24.28 30.27
C ALA B 124 11.75 -24.26 29.70
N LEU B 125 12.75 -24.40 30.55
CA LEU B 125 14.14 -24.40 30.09
C LEU B 125 14.30 -25.17 28.79
N GLU B 126 13.57 -26.27 28.70
CA GLU B 126 13.59 -27.17 27.56
C GLU B 126 13.06 -26.66 26.21
N LEU B 127 12.04 -25.82 26.20
CA LEU B 127 11.55 -25.33 24.94
C LEU B 127 11.85 -23.87 24.75
N LYS B 128 12.61 -23.27 25.68
CA LYS B 128 12.92 -21.85 25.57
C LYS B 128 13.59 -21.68 24.21
N GLY B 129 13.05 -20.77 23.41
CA GLY B 129 13.62 -20.52 22.11
C GLY B 129 13.17 -21.50 21.04
N LYS B 130 13.19 -22.80 21.37
CA LYS B 130 12.80 -23.87 20.46
C LYS B 130 11.37 -23.78 19.92
N VAL B 131 10.64 -22.78 20.37
CA VAL B 131 9.27 -22.56 19.94
C VAL B 131 9.30 -21.25 19.13
N PRO B 132 8.56 -21.17 18.01
CA PRO B 132 7.64 -21.77 17.06
C PRO B 132 7.55 -20.74 15.92
N PRO B 133 7.40 -21.19 14.67
CA PRO B 133 7.32 -20.11 13.69
C PRO B 133 5.98 -19.36 13.81
N HIS B 134 5.07 -19.71 12.92
CA HIS B 134 3.74 -19.14 12.84
C HIS B 134 2.93 -19.75 13.95
N LEU B 135 3.21 -19.36 15.18
CA LEU B 135 2.47 -19.92 16.31
C LEU B 135 2.34 -19.03 17.53
N LEU B 136 2.39 -17.73 17.33
CA LEU B 136 2.30 -16.81 18.42
C LEU B 136 0.93 -16.15 18.36
N ALA B 137 0.19 -16.43 17.29
CA ALA B 137 -1.16 -15.89 17.11
C ALA B 137 -1.98 -16.74 16.14
N GLY B 138 -3.07 -17.33 16.65
CA GLY B 138 -3.94 -18.17 15.85
C GLY B 138 -4.22 -17.67 14.44
N GLU B 139 -3.66 -18.36 13.44
CA GLU B 139 -3.83 -18.02 12.03
C GLU B 139 -5.31 -17.80 11.71
N LYS B 140 -5.64 -16.60 11.22
CA LYS B 140 -7.02 -16.27 10.87
C LYS B 140 -7.08 -15.19 9.80
N VAL B 141 -7.52 -15.59 8.61
CA VAL B 141 -7.62 -14.66 7.48
C VAL B 141 -8.82 -13.73 7.65
N GLU B 142 -8.62 -12.45 7.30
CA GLU B 142 -9.67 -11.45 7.41
C GLU B 142 -10.67 -11.57 6.25
N SER B 143 -10.74 -10.51 5.44
CA SER B 143 -11.65 -10.49 4.29
C SER B 143 -10.90 -10.77 2.97
N GLU B 144 -11.67 -11.07 1.94
CA GLU B 144 -11.12 -11.36 0.62
C GLU B 144 -10.40 -10.13 0.08
N ALA B 145 -9.14 -9.95 0.45
CA ALA B 145 -8.35 -8.81 -0.01
C ALA B 145 -8.72 -8.53 -1.45
N ALA B 146 -8.94 -9.60 -2.21
CA ALA B 146 -9.33 -9.44 -3.60
C ALA B 146 -10.59 -8.56 -3.62
N GLU B 147 -11.74 -9.17 -3.33
CA GLU B 147 -12.99 -8.42 -3.33
C GLU B 147 -12.77 -7.10 -2.60
N GLU B 148 -12.25 -7.20 -1.38
CA GLU B 148 -11.96 -6.04 -0.56
C GLU B 148 -11.33 -4.96 -1.42
N ALA B 149 -10.44 -5.36 -2.33
CA ALA B 149 -9.80 -4.41 -3.22
C ALA B 149 -10.95 -3.74 -3.92
N VAL B 150 -11.58 -4.49 -4.81
CA VAL B 150 -12.73 -4.01 -5.57
C VAL B 150 -13.59 -3.08 -4.71
N MET B 151 -14.26 -3.64 -3.71
CA MET B 151 -15.12 -2.89 -2.81
C MET B 151 -14.58 -1.50 -2.56
N ALA B 152 -13.27 -1.38 -2.39
CA ALA B 152 -12.69 -0.07 -2.17
C ALA B 152 -12.88 0.67 -3.50
N LEU B 153 -12.28 0.14 -4.55
CA LEU B 153 -12.37 0.71 -5.90
C LEU B 153 -13.75 1.27 -6.23
N ALA B 154 -14.78 0.47 -6.03
CA ALA B 154 -16.14 0.91 -6.33
C ALA B 154 -16.42 2.21 -5.60
N ALA B 155 -16.22 2.22 -4.28
CA ALA B 155 -16.46 3.40 -3.47
C ALA B 155 -15.53 4.56 -3.79
N LEU B 156 -14.54 4.32 -4.65
CA LEU B 156 -13.61 5.39 -5.03
C LEU B 156 -13.99 5.96 -6.39
N GLY B 157 -15.08 5.46 -6.95
CA GLY B 157 -15.57 5.90 -8.24
C GLY B 157 -15.82 4.67 -9.09
N PHE B 158 -14.79 4.25 -9.82
CA PHE B 158 -14.81 3.08 -10.71
C PHE B 158 -16.01 2.14 -10.57
N LYS B 159 -16.76 1.96 -11.65
CA LYS B 159 -17.92 1.07 -11.63
C LYS B 159 -17.39 -0.31 -11.23
N GLU B 160 -18.03 -0.93 -10.26
CA GLU B 160 -17.63 -2.24 -9.75
C GLU B 160 -16.84 -3.12 -10.74
N ALA B 161 -17.54 -3.82 -11.61
CA ALA B 161 -16.90 -4.71 -12.57
C ALA B 161 -15.57 -4.14 -13.04
N GLN B 162 -15.62 -2.96 -13.64
CA GLN B 162 -14.40 -2.34 -14.13
C GLN B 162 -13.29 -2.63 -13.13
N ALA B 163 -13.59 -2.40 -11.87
CA ALA B 163 -12.62 -2.63 -10.81
C ALA B 163 -12.38 -4.11 -10.54
N ARG B 164 -13.43 -4.90 -10.35
CA ARG B 164 -13.26 -6.33 -10.08
C ARG B 164 -12.57 -7.05 -11.26
N ALA B 165 -13.04 -6.76 -12.46
CA ALA B 165 -12.50 -7.37 -13.68
C ALA B 165 -11.00 -7.21 -13.86
N VAL B 166 -10.41 -6.28 -13.13
CA VAL B 166 -8.97 -6.07 -13.25
C VAL B 166 -8.24 -6.43 -11.96
N VAL B 167 -9.01 -6.69 -10.89
CA VAL B 167 -8.40 -7.07 -9.63
C VAL B 167 -8.02 -8.51 -9.87
N LEU B 168 -8.97 -9.25 -10.43
CA LEU B 168 -8.76 -10.66 -10.73
C LEU B 168 -7.54 -10.84 -11.62
N ASP B 169 -7.57 -10.17 -12.76
CA ASP B 169 -6.47 -10.25 -13.72
C ASP B 169 -5.16 -9.89 -13.01
N LEU B 170 -5.25 -9.11 -11.94
CA LEU B 170 -4.05 -8.72 -11.20
C LEU B 170 -3.55 -9.88 -10.33
N LEU B 171 -4.50 -10.55 -9.67
CA LEU B 171 -4.18 -11.68 -8.82
C LEU B 171 -3.64 -12.81 -9.69
N ALA B 172 -3.96 -12.73 -10.97
CA ALA B 172 -3.47 -13.71 -11.91
C ALA B 172 -1.96 -13.50 -12.01
N GLN B 173 -1.56 -12.48 -12.77
CA GLN B 173 -0.15 -12.17 -12.94
C GLN B 173 0.57 -12.18 -11.60
N ASN B 174 -0.16 -11.93 -10.52
CA ASN B 174 0.45 -11.91 -9.18
C ASN B 174 -0.50 -12.32 -8.04
N PRO B 175 -0.61 -13.65 -7.77
CA PRO B 175 -1.45 -14.27 -6.72
C PRO B 175 -1.30 -13.62 -5.35
N LYS B 176 -0.06 -13.28 -5.00
CA LYS B 176 0.21 -12.62 -3.73
C LYS B 176 -0.14 -11.15 -3.94
N ALA B 177 -1.16 -10.67 -3.24
CA ALA B 177 -1.55 -9.28 -3.42
C ALA B 177 -2.41 -8.69 -2.32
N ARG B 178 -1.79 -8.17 -1.27
CA ARG B 178 -2.55 -7.57 -0.20
C ARG B 178 -3.46 -6.53 -0.86
N ALA B 179 -4.71 -6.43 -0.42
CA ALA B 179 -5.65 -5.46 -1.00
C ALA B 179 -4.91 -4.19 -1.30
N GLN B 180 -4.12 -3.72 -0.35
CA GLN B 180 -3.34 -2.52 -0.54
C GLN B 180 -2.61 -2.64 -1.88
N ASP B 181 -1.44 -3.29 -1.87
CA ASP B 181 -0.65 -3.47 -3.08
C ASP B 181 -1.51 -3.88 -4.26
N LEU B 182 -2.69 -4.42 -3.99
CA LEU B 182 -3.56 -4.82 -5.07
C LEU B 182 -4.34 -3.60 -5.54
N ILE B 183 -5.09 -3.01 -4.63
CA ILE B 183 -5.89 -1.83 -4.90
C ILE B 183 -5.10 -0.79 -5.69
N LYS B 184 -4.06 -0.25 -5.07
CA LYS B 184 -3.22 0.75 -5.69
C LYS B 184 -3.00 0.35 -7.13
N GLU B 185 -2.14 -0.65 -7.32
CA GLU B 185 -1.80 -1.19 -8.63
C GLU B 185 -2.98 -1.22 -9.61
N ALA B 186 -4.20 -1.08 -9.10
CA ALA B 186 -5.39 -1.06 -9.95
C ALA B 186 -5.55 0.35 -10.49
N LEU B 187 -5.45 1.33 -9.59
CA LEU B 187 -5.56 2.73 -9.97
C LEU B 187 -4.66 2.96 -11.17
N LYS B 188 -3.48 2.36 -11.12
CA LYS B 188 -2.52 2.46 -12.20
C LYS B 188 -3.16 2.02 -13.53
N ARG B 189 -3.63 0.79 -13.58
CA ARG B 189 -4.24 0.28 -14.80
C ARG B 189 -5.66 0.79 -14.99
N LEU B 190 -6.11 1.62 -14.06
CA LEU B 190 -7.45 2.19 -14.16
C LEU B 190 -7.41 3.70 -14.42
N ARG B 191 -6.19 4.20 -14.62
CA ARG B 191 -5.97 5.63 -14.90
C ARG B 191 -6.95 6.08 -15.97
N ALA C 5 10.70 27.20 -22.20
CA ALA C 5 11.90 27.91 -21.67
C ALA C 5 12.02 27.73 -20.16
N LEU C 6 12.70 26.66 -19.75
CA LEU C 6 12.89 26.36 -18.34
C LEU C 6 13.76 27.41 -17.66
N ARG C 7 13.66 27.47 -16.33
CA ARG C 7 14.43 28.43 -15.54
C ARG C 7 15.14 27.68 -14.40
N PRO C 8 16.39 28.07 -14.10
CA PRO C 8 17.12 27.41 -13.01
C PRO C 8 16.37 27.61 -11.69
N LYS C 9 15.60 26.61 -11.30
CA LYS C 9 14.81 26.68 -10.08
C LYS C 9 15.64 26.89 -8.82
N THR C 10 15.34 27.96 -8.09
CA THR C 10 16.01 28.29 -6.83
C THR C 10 15.09 29.23 -6.05
N LEU C 11 15.59 29.84 -5.00
CA LEU C 11 14.77 30.78 -4.23
C LEU C 11 15.49 32.14 -4.32
N ASP C 12 16.78 32.06 -4.61
CA ASP C 12 17.64 33.22 -4.77
C ASP C 12 17.33 33.81 -6.15
N GLU C 13 16.70 32.99 -6.98
CA GLU C 13 16.33 33.40 -8.34
C GLU C 13 14.85 33.66 -8.44
N TYR C 14 14.19 33.87 -7.30
CA TYR C 14 12.77 34.13 -7.31
C TYR C 14 12.45 35.59 -7.06
N ILE C 15 12.08 36.29 -8.13
CA ILE C 15 11.73 37.69 -8.06
C ILE C 15 10.44 37.83 -7.28
N GLY C 16 10.48 38.51 -6.15
CA GLY C 16 9.25 38.66 -5.39
C GLY C 16 9.37 38.93 -3.90
N GLN C 17 8.24 39.28 -3.29
CA GLN C 17 8.12 39.59 -1.86
C GLN C 17 9.04 38.81 -0.92
N GLU C 18 9.25 39.37 0.26
CA GLU C 18 10.09 38.74 1.26
C GLU C 18 9.37 38.55 2.59
N ARG C 19 8.03 38.53 2.58
CA ARG C 19 7.29 38.33 3.82
C ARG C 19 6.90 36.87 4.07
N LEU C 20 6.14 36.28 3.17
CA LEU C 20 5.74 34.89 3.33
C LEU C 20 7.02 34.12 3.64
N LYS C 21 8.10 34.55 3.02
CA LYS C 21 9.40 33.92 3.22
C LYS C 21 9.88 34.03 4.66
N GLN C 22 9.79 35.22 5.24
CA GLN C 22 10.22 35.41 6.63
C GLN C 22 9.53 34.40 7.54
N LYS C 23 8.45 33.80 7.04
CA LYS C 23 7.72 32.80 7.79
C LYS C 23 7.55 31.51 6.99
N LEU C 24 8.29 31.41 5.89
CA LEU C 24 8.28 30.20 5.06
C LEU C 24 9.71 29.77 4.74
N ARG C 25 10.58 30.74 4.46
CA ARG C 25 11.98 30.41 4.18
C ARG C 25 12.49 29.70 5.42
N VAL C 26 11.93 30.11 6.56
CA VAL C 26 12.28 29.56 7.87
C VAL C 26 11.86 28.10 7.99
N TYR C 27 10.64 27.81 7.54
CA TYR C 27 10.11 26.45 7.56
C TYR C 27 10.71 25.67 6.40
N LEU C 28 11.27 26.40 5.45
CA LEU C 28 11.93 25.80 4.29
C LEU C 28 13.29 25.36 4.79
N GLU C 29 13.63 25.85 5.97
CA GLU C 29 14.89 25.54 6.64
C GLU C 29 14.65 24.42 7.65
N ALA C 30 13.38 24.15 7.91
CA ALA C 30 12.96 23.10 8.84
C ALA C 30 13.06 21.73 8.17
N ALA C 31 12.87 21.72 6.85
CA ALA C 31 12.94 20.48 6.07
C ALA C 31 14.40 20.01 6.08
N LYS C 32 15.18 20.63 6.97
CA LYS C 32 16.58 20.33 7.13
C LYS C 32 16.95 20.49 8.61
N ALA C 33 15.92 20.64 9.45
CA ALA C 33 16.08 20.78 10.89
C ALA C 33 15.28 19.67 11.55
N ARG C 34 14.51 18.95 10.73
CA ARG C 34 13.67 17.86 11.20
C ARG C 34 13.55 16.72 10.18
N LYS C 35 12.81 16.96 9.09
CA LYS C 35 12.62 15.94 8.05
C LYS C 35 12.33 16.55 6.69
N GLU C 36 11.62 15.82 5.85
CA GLU C 36 11.26 16.28 4.50
C GLU C 36 9.86 16.89 4.37
N PRO C 37 8.94 16.52 5.27
CA PRO C 37 7.57 17.05 5.24
C PRO C 37 7.37 18.48 5.78
N LEU C 38 7.31 19.45 4.88
CA LEU C 38 7.09 20.84 5.29
C LEU C 38 5.60 21.15 5.22
N GLU C 39 4.99 21.32 6.39
CA GLU C 39 3.55 21.59 6.55
C GLU C 39 2.78 22.04 5.31
N HIS C 40 1.55 21.53 5.17
CA HIS C 40 0.67 21.85 4.05
C HIS C 40 0.62 23.35 3.81
N LEU C 41 1.05 23.77 2.63
CA LEU C 41 1.08 25.18 2.27
C LEU C 41 -0.02 25.61 1.31
N LEU C 42 -0.99 26.37 1.85
CA LEU C 42 -2.10 26.89 1.06
C LEU C 42 -1.63 28.26 0.55
N LEU C 43 -2.25 28.75 -0.52
CA LEU C 43 -1.87 30.06 -1.06
C LEU C 43 -3.07 30.92 -1.42
N PHE C 44 -2.98 32.21 -1.09
CA PHE C 44 -4.04 33.18 -1.34
C PHE C 44 -3.66 34.21 -2.40
N GLY C 45 -4.44 35.30 -2.42
CA GLY C 45 -4.19 36.39 -3.34
C GLY C 45 -4.70 36.18 -4.76
N PRO C 46 -4.71 37.24 -5.58
CA PRO C 46 -5.16 37.22 -6.98
C PRO C 46 -4.25 36.37 -7.89
N PRO C 47 -4.81 35.84 -9.00
CA PRO C 47 -4.12 35.00 -9.99
C PRO C 47 -2.82 35.61 -10.48
N GLY C 48 -2.19 34.93 -11.44
CA GLY C 48 -0.94 35.40 -12.01
C GLY C 48 0.19 35.52 -11.01
N LEU C 49 -0.08 36.24 -9.91
CA LEU C 49 0.84 36.48 -8.81
C LEU C 49 2.03 35.55 -8.66
N GLY C 50 1.89 34.31 -9.11
CA GLY C 50 2.99 33.37 -9.00
C GLY C 50 2.70 32.34 -7.93
N LYS C 51 2.17 31.21 -8.37
CA LYS C 51 1.84 30.14 -7.46
C LYS C 51 2.62 28.88 -7.83
N THR C 52 2.28 28.32 -8.99
CA THR C 52 2.94 27.12 -9.49
C THR C 52 4.45 27.28 -9.47
N THR C 53 4.97 28.12 -10.37
CA THR C 53 6.40 28.37 -10.49
C THR C 53 7.13 28.56 -9.15
N LEU C 54 6.38 28.88 -8.10
CA LEU C 54 6.98 29.06 -6.78
C LEU C 54 7.52 27.73 -6.27
N ALA C 55 6.61 26.79 -6.00
CA ALA C 55 6.98 25.47 -5.51
C ALA C 55 7.52 24.61 -6.63
N HIS C 56 7.05 24.88 -7.85
CA HIS C 56 7.49 24.18 -9.05
C HIS C 56 9.01 24.26 -8.95
N VAL C 57 9.46 25.32 -8.28
CA VAL C 57 10.87 25.58 -8.05
C VAL C 57 11.24 25.13 -6.63
N ILE C 58 10.35 25.38 -5.67
CA ILE C 58 10.62 24.99 -4.30
C ILE C 58 11.17 23.56 -4.28
N ALA C 59 10.53 22.68 -5.04
CA ALA C 59 10.94 21.28 -5.14
C ALA C 59 12.45 21.07 -5.21
N HIS C 60 13.06 21.54 -6.30
CA HIS C 60 14.50 21.39 -6.50
C HIS C 60 15.35 21.83 -5.32
N GLU C 61 14.94 22.87 -4.62
CA GLU C 61 15.70 23.31 -3.45
C GLU C 61 15.14 22.56 -2.25
N LEU C 62 14.83 21.28 -2.48
CA LEU C 62 14.29 20.39 -1.47
C LEU C 62 14.77 18.97 -1.78
N GLY C 63 14.82 18.63 -3.06
CA GLY C 63 15.28 17.32 -3.48
C GLY C 63 14.24 16.35 -4.01
N VAL C 64 13.08 16.85 -4.44
CA VAL C 64 12.02 15.99 -4.95
C VAL C 64 11.22 16.60 -6.09
N ASN C 65 10.77 15.76 -7.01
CA ASN C 65 9.99 16.24 -8.15
C ASN C 65 8.70 16.88 -7.65
N LEU C 66 7.85 17.27 -8.59
CA LEU C 66 6.60 17.89 -8.23
C LEU C 66 5.46 17.46 -9.13
N ARG C 67 4.35 17.12 -8.49
CA ARG C 67 3.14 16.72 -9.17
C ARG C 67 2.12 17.79 -8.83
N VAL C 68 1.51 18.38 -9.86
CA VAL C 68 0.53 19.44 -9.67
C VAL C 68 -0.75 19.11 -10.42
N THR C 69 -1.87 19.30 -9.73
CA THR C 69 -3.16 19.03 -10.35
C THR C 69 -4.20 20.03 -9.86
N SER C 70 -5.01 20.49 -10.81
CA SER C 70 -6.06 21.43 -10.53
C SER C 70 -7.12 20.74 -9.68
N GLY C 71 -7.82 21.53 -8.89
CA GLY C 71 -8.88 20.99 -8.05
C GLY C 71 -9.97 20.35 -8.88
N PRO C 72 -10.95 21.12 -9.38
CA PRO C 72 -12.06 20.60 -10.19
C PRO C 72 -11.71 19.46 -11.15
N ALA C 73 -10.42 19.30 -11.45
CA ALA C 73 -9.94 18.24 -12.33
C ALA C 73 -9.94 16.90 -11.61
N ILE C 74 -10.91 16.72 -10.74
CA ILE C 74 -11.02 15.49 -9.97
C ILE C 74 -12.43 14.91 -9.98
N GLU C 75 -12.64 13.92 -10.84
CA GLU C 75 -13.94 13.25 -10.94
C GLU C 75 -13.90 12.06 -9.98
N LYS C 76 -13.22 11.00 -10.42
CA LYS C 76 -13.10 9.79 -9.61
C LYS C 76 -12.57 10.17 -8.23
N PRO C 77 -13.40 10.00 -7.19
CA PRO C 77 -13.02 10.33 -5.82
C PRO C 77 -11.68 9.70 -5.43
N GLY C 78 -11.16 8.85 -6.32
CA GLY C 78 -9.91 8.19 -6.07
C GLY C 78 -8.84 8.60 -7.05
N ASP C 79 -9.06 9.73 -7.71
CA ASP C 79 -8.12 10.24 -8.68
C ASP C 79 -6.91 10.81 -7.94
N LEU C 80 -7.15 11.38 -6.76
CA LEU C 80 -6.08 11.95 -5.93
C LEU C 80 -5.35 10.80 -5.28
N ALA C 81 -6.13 9.81 -4.84
CA ALA C 81 -5.57 8.63 -4.22
C ALA C 81 -4.48 8.16 -5.17
N ALA C 82 -4.83 8.08 -6.44
CA ALA C 82 -3.91 7.67 -7.49
C ALA C 82 -2.78 8.68 -7.58
N ILE C 83 -3.11 9.93 -7.30
CA ILE C 83 -2.12 11.00 -7.36
C ILE C 83 -1.25 10.90 -6.11
N LEU C 84 -1.64 10.03 -5.19
CA LEU C 84 -0.90 9.82 -3.96
C LEU C 84 -0.28 8.43 -3.92
N ALA C 85 -1.04 7.45 -4.39
CA ALA C 85 -0.62 6.06 -4.40
C ALA C 85 0.42 5.69 -5.46
N ASN C 86 1.68 5.72 -5.06
CA ASN C 86 2.80 5.39 -5.92
C ASN C 86 2.90 6.27 -7.16
N SER C 87 3.82 7.24 -7.09
CA SER C 87 4.08 8.19 -8.16
C SER C 87 5.07 9.19 -7.58
N LEU C 88 5.33 9.06 -6.28
CA LEU C 88 6.25 9.94 -5.58
C LEU C 88 7.58 9.24 -5.26
N GLU C 89 8.38 9.85 -4.39
CA GLU C 89 9.67 9.30 -3.98
C GLU C 89 10.06 9.78 -2.59
N GLU C 90 9.10 9.75 -1.67
CA GLU C 90 9.31 10.16 -0.28
C GLU C 90 9.71 11.63 -0.13
N GLY C 91 9.02 12.51 -0.85
CA GLY C 91 9.35 13.92 -0.77
C GLY C 91 8.66 14.78 -1.81
N ASP C 92 8.48 14.23 -3.01
CA ASP C 92 7.81 14.94 -4.10
C ASP C 92 6.67 15.80 -3.58
N ILE C 93 6.36 16.87 -4.31
CA ILE C 93 5.30 17.78 -3.89
C ILE C 93 4.04 17.61 -4.71
N LEU C 94 2.90 17.80 -4.07
CA LEU C 94 1.65 17.68 -4.77
C LEU C 94 0.94 19.03 -4.69
N PHE C 95 0.84 19.70 -5.84
CA PHE C 95 0.18 21.00 -5.89
C PHE C 95 -1.26 20.85 -6.39
N ILE C 96 -2.18 21.51 -5.70
CA ILE C 96 -3.59 21.47 -6.06
C ILE C 96 -4.11 22.89 -6.31
N ASP C 97 -4.18 23.29 -7.58
CA ASP C 97 -4.66 24.61 -7.97
C ASP C 97 -6.18 24.62 -7.93
N GLU C 98 -6.78 25.78 -7.72
CA GLU C 98 -8.24 25.88 -7.66
C GLU C 98 -8.75 24.84 -6.65
N ILE C 99 -7.90 24.55 -5.67
CA ILE C 99 -8.22 23.57 -4.64
C ILE C 99 -9.53 23.83 -3.92
N HIS C 100 -9.88 25.10 -3.73
CA HIS C 100 -11.12 25.43 -3.04
C HIS C 100 -12.34 24.82 -3.71
N ARG C 101 -12.19 24.38 -4.95
CA ARG C 101 -13.30 23.77 -5.69
C ARG C 101 -13.13 22.27 -5.87
N LEU C 102 -13.41 21.51 -4.82
CA LEU C 102 -13.27 20.06 -4.87
C LEU C 102 -14.58 19.37 -4.50
N SER C 103 -14.73 18.11 -4.91
CA SER C 103 -15.94 17.34 -4.62
C SER C 103 -16.30 17.41 -3.13
N ARG C 104 -17.60 17.47 -2.85
CA ARG C 104 -18.10 17.55 -1.47
C ARG C 104 -17.31 16.68 -0.50
N GLN C 105 -16.91 15.50 -0.97
CA GLN C 105 -16.16 14.54 -0.17
C GLN C 105 -14.70 14.41 -0.59
N ALA C 106 -14.42 14.52 -1.88
CA ALA C 106 -13.06 14.41 -2.38
C ALA C 106 -12.11 15.17 -1.46
N GLU C 107 -12.58 16.30 -0.94
CA GLU C 107 -11.77 17.12 -0.05
C GLU C 107 -11.73 16.57 1.36
N GLU C 108 -12.56 15.57 1.64
CA GLU C 108 -12.60 14.94 2.95
C GLU C 108 -11.58 13.81 3.00
N HIS C 109 -11.51 13.02 1.93
CA HIS C 109 -10.53 11.93 1.86
C HIS C 109 -9.19 12.56 1.47
N LEU C 110 -8.91 13.71 2.08
CA LEU C 110 -7.69 14.47 1.83
C LEU C 110 -6.99 14.77 3.14
N TYR C 111 -7.73 14.63 4.24
CA TYR C 111 -7.21 14.86 5.59
C TYR C 111 -6.23 13.77 6.02
N PRO C 112 -6.48 12.51 5.61
CA PRO C 112 -5.57 11.43 5.98
C PRO C 112 -4.13 11.78 5.61
N ALA C 113 -3.95 12.28 4.39
CA ALA C 113 -2.63 12.68 3.90
C ALA C 113 -2.12 13.92 4.62
N MET C 114 -2.82 14.31 5.69
CA MET C 114 -2.45 15.48 6.48
C MET C 114 -1.57 15.10 7.68
N GLU C 115 -2.17 14.42 8.66
CA GLU C 115 -1.45 14.02 9.86
C GLU C 115 -0.09 13.38 9.56
N ASP C 116 -0.03 12.58 8.49
CA ASP C 116 1.21 11.92 8.11
C ASP C 116 1.28 11.54 6.62
N PHE C 117 0.54 10.50 6.23
CA PHE C 117 0.56 10.04 4.84
C PHE C 117 -0.41 8.89 4.52
N VAL C 118 -1.52 8.84 5.26
CA VAL C 118 -2.52 7.78 5.07
C VAL C 118 -3.65 8.21 4.14
N MET C 119 -4.61 7.31 3.94
CA MET C 119 -5.76 7.57 3.07
C MET C 119 -6.83 6.53 3.37
N ASP C 120 -7.25 6.45 4.63
CA ASP C 120 -8.26 5.49 5.06
C ASP C 120 -9.54 5.63 4.21
N ILE C 121 -9.92 4.55 3.56
CA ILE C 121 -11.11 4.53 2.70
C ILE C 121 -12.32 3.85 3.35
N VAL C 122 -13.23 4.65 3.89
CA VAL C 122 -14.43 4.11 4.51
C VAL C 122 -15.15 3.21 3.50
N ILE C 123 -15.83 2.17 3.98
CA ILE C 123 -16.52 1.23 3.10
C ILE C 123 -17.59 0.40 3.79
N GLY C 124 -18.71 0.19 3.11
CA GLY C 124 -19.79 -0.60 3.67
C GLY C 124 -21.03 -0.60 2.79
N GLN C 125 -21.82 -1.67 2.88
CA GLN C 125 -23.04 -1.79 2.09
C GLN C 125 -24.31 -1.78 2.94
N GLY C 126 -24.26 -2.45 4.09
CA GLY C 126 -25.44 -2.46 4.96
C GLY C 126 -25.64 -3.67 5.87
N PRO C 127 -25.26 -3.57 7.15
CA PRO C 127 -24.66 -2.38 7.76
C PRO C 127 -23.19 -2.24 7.38
N ALA C 128 -22.74 -1.02 7.14
CA ALA C 128 -21.36 -0.75 6.77
C ALA C 128 -20.39 -1.63 7.55
N ALA C 129 -19.25 -1.94 6.92
CA ALA C 129 -18.25 -2.80 7.55
C ALA C 129 -17.12 -2.00 8.20
N ARG C 130 -15.89 -2.40 7.91
CA ARG C 130 -14.70 -1.77 8.47
C ARG C 130 -14.30 -0.49 7.72
N THR C 131 -13.02 -0.39 7.40
CA THR C 131 -12.47 0.76 6.68
C THR C 131 -11.03 0.50 6.24
N ILE C 132 -10.80 0.62 4.94
CA ILE C 132 -9.50 0.36 4.34
C ILE C 132 -8.49 1.49 4.47
N ARG C 133 -7.22 1.11 4.54
CA ARG C 133 -6.10 2.04 4.66
C ARG C 133 -5.11 1.70 3.55
N LEU C 134 -4.31 2.69 3.15
CA LEU C 134 -3.32 2.49 2.09
C LEU C 134 -1.89 2.64 2.61
N GLU C 135 -1.14 3.59 2.06
CA GLU C 135 0.23 3.81 2.49
C GLU C 135 0.91 4.92 1.66
N LEU C 136 0.20 6.04 1.52
CA LEU C 136 0.69 7.18 0.76
C LEU C 136 1.99 7.62 1.38
N PRO C 137 3.00 7.88 0.56
CA PRO C 137 4.30 8.32 1.07
C PRO C 137 4.24 9.69 1.75
N ARG C 138 5.37 10.10 2.33
CA ARG C 138 5.49 11.38 3.01
C ARG C 138 5.75 12.44 1.94
N PHE C 139 4.86 13.42 1.86
CA PHE C 139 4.97 14.48 0.86
C PHE C 139 4.52 15.86 1.35
N THR C 140 4.81 16.88 0.56
CA THR C 140 4.44 18.26 0.88
C THR C 140 3.33 18.68 -0.07
N LEU C 141 2.25 19.23 0.49
CA LEU C 141 1.11 19.62 -0.32
C LEU C 141 0.93 21.13 -0.46
N ILE C 142 0.76 21.57 -1.71
CA ILE C 142 0.52 22.98 -1.99
C ILE C 142 -0.87 23.06 -2.62
N GLY C 143 -1.79 23.73 -1.92
CA GLY C 143 -3.15 23.89 -2.41
C GLY C 143 -3.49 25.37 -2.44
N ALA C 144 -3.30 25.98 -3.60
CA ALA C 144 -3.56 27.40 -3.79
C ALA C 144 -5.00 27.66 -4.19
N THR C 145 -5.51 28.84 -3.83
CA THR C 145 -6.87 29.22 -4.17
C THR C 145 -6.92 30.61 -4.77
N THR C 146 -7.65 30.75 -5.88
CA THR C 146 -7.79 32.03 -6.57
C THR C 146 -8.80 32.93 -5.88
N ARG C 147 -9.69 32.34 -5.09
CA ARG C 147 -10.71 33.09 -4.37
C ARG C 147 -11.06 32.34 -3.08
N PRO C 148 -10.17 32.42 -2.07
CA PRO C 148 -10.33 31.76 -0.77
C PRO C 148 -11.53 32.20 0.05
N GLY C 149 -11.61 33.52 0.29
CA GLY C 149 -12.71 34.07 1.06
C GLY C 149 -13.31 33.07 2.03
N LEU C 150 -14.42 32.46 1.62
CA LEU C 150 -15.11 31.47 2.44
C LEU C 150 -15.50 30.31 1.53
N ILE C 151 -14.50 29.68 0.91
CA ILE C 151 -14.76 28.54 0.04
C ILE C 151 -13.71 27.46 0.33
N THR C 152 -12.73 27.79 1.17
CA THR C 152 -11.69 26.84 1.56
C THR C 152 -12.13 26.31 2.92
N ALA C 153 -13.12 25.43 2.89
CA ALA C 153 -13.73 24.80 4.06
C ALA C 153 -12.81 24.53 5.26
N PRO C 154 -13.37 24.04 6.40
CA PRO C 154 -12.60 23.75 7.61
C PRO C 154 -11.27 23.05 7.34
N LEU C 155 -11.09 22.62 6.09
CA LEU C 155 -9.87 21.94 5.67
C LEU C 155 -8.69 22.90 5.86
N LEU C 156 -8.99 24.15 6.21
CA LEU C 156 -7.94 25.13 6.43
C LEU C 156 -7.15 24.64 7.64
N SER C 157 -7.84 23.89 8.49
CA SER C 157 -7.25 23.34 9.69
C SER C 157 -6.13 22.37 9.31
N ARG C 158 -6.48 21.34 8.53
CA ARG C 158 -5.52 20.35 8.09
C ARG C 158 -4.30 20.97 7.41
N PHE C 159 -4.52 22.06 6.66
CA PHE C 159 -3.41 22.73 5.99
C PHE C 159 -2.48 23.27 7.05
N GLY C 160 -1.18 23.23 6.78
CA GLY C 160 -0.22 23.73 7.72
C GLY C 160 -0.26 25.24 7.86
N ILE C 161 0.60 25.91 7.10
CA ILE C 161 0.70 27.37 7.14
C ILE C 161 -0.11 28.09 6.06
N VAL C 162 -0.82 29.14 6.47
CA VAL C 162 -1.67 29.93 5.58
C VAL C 162 -1.11 31.33 5.34
N GLU C 163 -0.31 31.50 4.29
CA GLU C 163 0.27 32.80 3.98
C GLU C 163 -0.36 33.38 2.71
N HIS C 164 -0.56 34.69 2.70
CA HIS C 164 -1.17 35.37 1.57
C HIS C 164 -0.17 35.77 0.48
N LEU C 165 -0.72 36.15 -0.68
CA LEU C 165 0.06 36.59 -1.83
C LEU C 165 -0.64 37.81 -2.43
N GLU C 166 0.13 38.81 -2.84
CA GLU C 166 -0.44 40.04 -3.42
C GLU C 166 0.28 40.41 -4.74
N TYR C 167 0.09 41.64 -5.22
CA TYR C 167 0.71 42.09 -6.48
C TYR C 167 2.17 42.51 -6.36
N TYR C 168 2.97 42.13 -7.36
CA TYR C 168 4.39 42.42 -7.33
C TYR C 168 4.89 43.62 -8.12
N THR C 169 4.80 44.76 -7.42
CA THR C 169 5.19 46.10 -7.85
C THR C 169 5.73 46.33 -9.26
N PRO C 170 5.44 47.52 -9.82
CA PRO C 170 5.89 47.90 -11.16
C PRO C 170 7.37 47.57 -11.30
N GLU C 171 8.09 47.83 -10.22
CA GLU C 171 9.51 47.57 -10.16
C GLU C 171 9.77 46.09 -10.34
N GLU C 172 9.36 45.31 -9.33
CA GLU C 172 9.56 43.87 -9.34
C GLU C 172 9.18 43.17 -10.66
N LEU C 173 7.99 43.47 -11.19
CA LEU C 173 7.57 42.84 -12.44
C LEU C 173 8.38 43.34 -13.60
N ALA C 174 8.67 44.64 -13.56
CA ALA C 174 9.47 45.28 -14.59
C ALA C 174 10.84 44.65 -14.49
N GLN C 175 11.27 44.45 -13.25
CA GLN C 175 12.55 43.82 -12.94
C GLN C 175 12.60 42.50 -13.68
N GLY C 176 11.66 41.62 -13.35
CA GLY C 176 11.63 40.35 -14.02
C GLY C 176 11.80 40.59 -15.51
N VAL C 177 10.83 41.29 -16.10
CA VAL C 177 10.85 41.59 -17.52
C VAL C 177 12.25 41.76 -18.07
N MET C 178 13.12 42.40 -17.29
CA MET C 178 14.50 42.62 -17.72
C MET C 178 15.18 41.29 -18.01
N ARG C 179 15.26 40.44 -17.01
CA ARG C 179 15.89 39.14 -17.19
C ARG C 179 15.19 38.42 -18.33
N ASP C 180 13.99 38.89 -18.66
CA ASP C 180 13.20 38.30 -19.74
C ASP C 180 13.60 38.95 -21.06
N ALA C 181 14.55 39.87 -21.00
CA ALA C 181 15.04 40.54 -22.20
C ALA C 181 16.11 39.68 -22.83
N ARG C 182 16.50 38.63 -22.10
CA ARG C 182 17.51 37.70 -22.56
C ARG C 182 16.79 36.40 -22.91
N LEU C 183 16.10 36.42 -24.05
CA LEU C 183 15.35 35.27 -24.52
C LEU C 183 15.86 34.78 -25.87
N LEU C 184 15.23 35.22 -26.95
CA LEU C 184 15.64 34.81 -28.29
C LEU C 184 15.60 35.92 -29.35
N GLY C 185 16.61 36.78 -29.34
CA GLY C 185 16.71 37.84 -30.32
C GLY C 185 15.97 39.14 -30.05
N VAL C 186 16.19 39.74 -28.87
CA VAL C 186 15.53 41.00 -28.53
C VAL C 186 16.17 41.68 -27.31
N ARG C 187 16.42 42.98 -27.45
CA ARG C 187 17.02 43.79 -26.39
C ARG C 187 16.09 44.94 -26.04
N ILE C 188 15.73 45.03 -24.77
CA ILE C 188 14.85 46.10 -24.33
C ILE C 188 15.58 46.86 -23.25
N THR C 189 15.23 48.14 -23.10
CA THR C 189 15.85 48.97 -22.09
C THR C 189 15.00 49.01 -20.81
N GLU C 190 15.64 49.41 -19.71
CA GLU C 190 14.99 49.47 -18.41
C GLU C 190 13.80 50.40 -18.33
N GLU C 191 14.06 51.69 -18.10
CA GLU C 191 13.00 52.67 -18.02
C GLU C 191 11.85 52.30 -18.93
N ALA C 192 12.18 51.86 -20.14
CA ALA C 192 11.17 51.45 -21.11
C ALA C 192 10.44 50.33 -20.46
N ALA C 193 11.17 49.24 -20.21
CA ALA C 193 10.61 48.07 -19.57
C ALA C 193 9.77 48.49 -18.37
N LEU C 194 10.07 49.66 -17.79
CA LEU C 194 9.29 50.13 -16.66
C LEU C 194 7.88 50.37 -17.18
N GLU C 195 7.77 50.78 -18.43
CA GLU C 195 6.47 51.01 -19.06
C GLU C 195 5.67 49.73 -18.88
N ILE C 196 6.12 48.68 -19.56
CA ILE C 196 5.51 47.35 -19.46
C ILE C 196 5.18 47.09 -17.99
N GLY C 197 6.19 47.17 -17.15
CA GLY C 197 6.02 46.97 -15.73
C GLY C 197 4.69 47.38 -15.12
N ARG C 198 4.22 48.59 -15.39
CA ARG C 198 2.96 49.04 -14.80
C ARG C 198 1.71 48.73 -15.61
N ARG C 199 1.85 47.94 -16.68
CA ARG C 199 0.69 47.58 -17.47
C ARG C 199 0.39 46.11 -17.18
N SER C 200 1.26 45.51 -16.37
CA SER C 200 1.12 44.11 -15.95
C SER C 200 0.67 44.28 -14.51
N ARG C 201 -0.61 44.57 -14.37
CA ARG C 201 -1.32 44.80 -13.10
C ARG C 201 -0.80 43.97 -11.93
N GLY C 202 0.43 44.26 -11.50
CA GLY C 202 1.04 43.53 -10.40
C GLY C 202 0.94 42.04 -10.60
N THR C 203 1.22 41.58 -11.83
CA THR C 203 1.13 40.17 -12.20
C THR C 203 2.11 39.72 -13.30
N MET C 204 2.96 38.74 -12.99
CA MET C 204 3.92 38.24 -13.97
C MET C 204 3.17 37.72 -15.19
N ARG C 205 2.03 37.10 -14.95
CA ARG C 205 1.21 36.54 -16.01
C ARG C 205 0.96 37.64 -17.05
N VAL C 206 0.24 38.68 -16.63
CA VAL C 206 -0.05 39.80 -17.52
C VAL C 206 1.24 40.54 -17.78
N ALA C 207 2.34 40.00 -17.29
CA ALA C 207 3.64 40.64 -17.47
C ALA C 207 4.44 40.08 -18.65
N LYS C 208 3.85 39.17 -19.40
CA LYS C 208 4.59 38.63 -20.52
C LYS C 208 3.63 38.49 -21.70
N ARG C 209 2.34 38.52 -21.39
CA ARG C 209 1.29 38.40 -22.38
C ARG C 209 1.58 39.35 -23.54
N LEU C 210 1.78 40.62 -23.18
CA LEU C 210 2.04 41.71 -24.12
C LEU C 210 2.96 41.36 -25.30
N PHE C 211 4.08 40.72 -24.98
CA PHE C 211 5.11 40.37 -25.95
C PHE C 211 4.95 39.03 -26.61
N ARG C 212 4.50 38.03 -25.85
CA ARG C 212 4.31 36.71 -26.40
C ARG C 212 3.62 36.74 -27.76
N ARG C 213 2.61 37.59 -27.90
CA ARG C 213 1.90 37.72 -29.17
C ARG C 213 2.71 38.64 -30.09
N VAL C 214 3.42 39.59 -29.50
CA VAL C 214 4.26 40.54 -30.24
C VAL C 214 5.16 39.79 -31.21
N ARG C 215 5.58 38.59 -30.79
CA ARG C 215 6.45 37.75 -31.61
C ARG C 215 5.99 37.68 -33.06
N ASP C 216 4.89 36.98 -33.30
CA ASP C 216 4.38 36.84 -34.66
C ASP C 216 3.56 38.04 -35.12
N PHE C 217 4.24 39.16 -35.29
CA PHE C 217 3.62 40.40 -35.72
C PHE C 217 4.54 41.09 -36.74
N ALA C 218 3.95 41.61 -37.82
CA ALA C 218 4.72 42.27 -38.88
C ALA C 218 5.64 43.40 -38.44
N GLN C 219 5.11 44.62 -38.45
CA GLN C 219 5.87 45.82 -38.09
C GLN C 219 6.38 45.88 -36.66
N VAL C 220 7.08 44.84 -36.22
CA VAL C 220 7.70 44.78 -34.89
C VAL C 220 8.98 43.95 -34.92
N ALA C 221 9.09 43.11 -35.96
CA ALA C 221 10.29 42.31 -36.12
C ALA C 221 11.37 43.08 -36.89
N GLY C 222 10.90 44.07 -37.68
CA GLY C 222 11.83 44.90 -38.42
C GLY C 222 12.53 45.91 -37.52
N GLU C 223 11.77 46.37 -36.50
CA GLU C 223 12.36 47.26 -35.50
C GLU C 223 12.54 46.54 -34.17
N GLU C 224 12.79 45.22 -34.27
CA GLU C 224 13.00 44.42 -33.07
C GLU C 224 13.26 45.28 -31.83
N VAL C 225 14.36 46.06 -31.89
CA VAL C 225 14.76 46.83 -30.72
C VAL C 225 13.58 47.46 -29.99
N ILE C 226 13.77 47.62 -28.66
CA ILE C 226 12.70 48.21 -27.84
C ILE C 226 13.26 48.97 -26.64
N THR C 227 13.13 50.28 -26.86
CA THR C 227 13.51 51.29 -25.89
C THR C 227 12.27 52.05 -25.48
N ARG C 228 12.40 52.93 -24.49
CA ARG C 228 11.24 53.67 -24.02
C ARG C 228 10.44 54.39 -25.09
N GLU C 229 10.86 54.27 -26.35
CA GLU C 229 10.10 54.91 -27.40
C GLU C 229 9.14 53.84 -27.89
N ARG C 230 9.66 52.69 -28.32
CA ARG C 230 8.80 51.60 -28.80
C ARG C 230 8.03 51.02 -27.63
N ALA C 231 8.69 51.02 -26.47
CA ALA C 231 8.11 50.50 -25.23
C ALA C 231 6.69 51.03 -25.03
N LEU C 232 6.57 52.36 -25.08
CA LEU C 232 5.27 52.99 -24.91
C LEU C 232 4.63 53.25 -26.28
N GLU C 233 5.36 52.92 -27.34
CA GLU C 233 4.84 53.15 -28.69
C GLU C 233 3.99 51.97 -29.16
N ALA C 234 4.63 50.88 -29.56
CA ALA C 234 3.89 49.69 -30.00
C ALA C 234 3.15 49.08 -28.82
N LEU C 235 2.93 49.91 -27.80
CA LEU C 235 2.24 49.55 -26.58
C LEU C 235 0.97 50.38 -26.49
N ALA C 236 1.12 51.65 -26.80
CA ALA C 236 -0.01 52.57 -26.79
C ALA C 236 -0.57 52.52 -28.21
N ALA C 237 0.21 51.94 -29.10
CA ALA C 237 -0.17 51.83 -30.49
C ALA C 237 -1.02 50.60 -30.76
N LEU C 238 -0.44 49.62 -31.45
CA LEU C 238 -1.17 48.41 -31.79
C LEU C 238 -1.10 47.37 -30.67
N GLY C 239 -0.24 47.61 -29.67
CA GLY C 239 -0.14 46.72 -28.52
C GLY C 239 -1.51 46.94 -27.88
N LEU C 240 -2.23 47.76 -28.63
CA LEU C 240 -3.59 48.20 -28.40
C LEU C 240 -4.07 48.48 -27.02
N ASP C 241 -3.41 49.38 -26.30
CA ASP C 241 -3.87 49.76 -24.96
C ASP C 241 -2.96 50.73 -24.29
N GLU C 242 -3.54 51.62 -23.52
CA GLU C 242 -2.74 52.60 -22.82
C GLU C 242 -2.22 51.98 -21.52
N LEU C 243 -2.52 52.63 -20.40
CA LEU C 243 -2.08 52.14 -19.08
C LEU C 243 -2.86 50.89 -18.74
N GLY C 244 -2.33 49.74 -19.11
CA GLY C 244 -3.04 48.51 -18.83
C GLY C 244 -4.35 48.46 -19.58
N LEU C 245 -5.40 49.06 -19.01
CA LEU C 245 -6.72 49.11 -19.64
C LEU C 245 -6.58 48.91 -21.12
N GLU C 246 -7.17 47.84 -21.65
CA GLU C 246 -7.10 47.57 -23.08
C GLU C 246 -8.45 47.24 -23.72
N LYS C 247 -8.54 47.57 -25.02
CA LYS C 247 -9.72 47.42 -25.86
C LYS C 247 -11.00 47.04 -25.14
N ARG C 248 -11.13 45.75 -24.87
CA ARG C 248 -12.30 45.23 -24.20
C ARG C 248 -12.64 46.03 -22.93
N ASP C 249 -11.60 46.52 -22.26
CA ASP C 249 -11.77 47.28 -21.04
C ASP C 249 -12.41 48.62 -21.39
N ARG C 250 -11.81 49.29 -22.37
CA ARG C 250 -12.31 50.57 -22.85
C ARG C 250 -13.76 50.32 -23.23
N GLU C 251 -13.98 49.26 -24.04
CA GLU C 251 -15.32 48.92 -24.49
C GLU C 251 -16.20 48.83 -23.26
N ILE C 252 -15.85 47.97 -22.30
CA ILE C 252 -16.66 47.86 -21.11
C ILE C 252 -17.10 49.25 -20.64
N LEU C 253 -16.13 50.00 -20.14
CA LEU C 253 -16.35 51.36 -19.65
C LEU C 253 -17.24 52.12 -20.61
N GLU C 254 -16.82 52.14 -21.87
CA GLU C 254 -17.55 52.80 -22.92
C GLU C 254 -19.02 52.45 -22.74
N VAL C 255 -19.33 51.17 -22.59
CA VAL C 255 -20.73 50.83 -22.43
C VAL C 255 -21.22 51.18 -21.04
N LEU C 256 -20.34 51.03 -20.06
CA LEU C 256 -20.69 51.31 -18.69
C LEU C 256 -21.05 52.77 -18.56
N ILE C 257 -20.17 53.60 -19.05
CA ILE C 257 -20.32 55.04 -19.02
C ILE C 257 -21.24 55.62 -20.13
N LEU C 258 -21.03 55.26 -21.39
CA LEU C 258 -21.86 55.83 -22.44
C LEU C 258 -23.31 55.39 -22.41
N ARG C 259 -23.53 54.08 -22.49
CA ARG C 259 -24.88 53.53 -22.49
C ARG C 259 -25.68 53.73 -21.24
N PHE C 260 -25.06 53.39 -20.11
CA PHE C 260 -25.71 53.49 -18.83
C PHE C 260 -25.43 54.78 -18.07
N GLY C 261 -24.19 55.26 -18.15
CA GLY C 261 -23.79 56.47 -17.46
C GLY C 261 -22.74 56.11 -16.43
N GLY C 262 -22.43 57.04 -15.53
CA GLY C 262 -21.47 56.72 -14.49
C GLY C 262 -22.32 56.00 -13.47
N GLY C 263 -23.60 55.88 -13.82
CA GLY C 263 -24.59 55.24 -12.97
C GLY C 263 -24.35 53.77 -12.75
N PRO C 264 -24.97 53.19 -11.70
CA PRO C 264 -24.85 51.77 -11.34
C PRO C 264 -25.72 50.87 -12.21
N VAL C 265 -25.20 49.69 -12.52
CA VAL C 265 -25.94 48.75 -13.34
C VAL C 265 -26.22 47.39 -12.67
N GLY C 266 -25.15 46.63 -12.48
CA GLY C 266 -25.27 45.32 -11.88
C GLY C 266 -24.90 44.26 -12.90
N LEU C 267 -23.89 43.47 -12.57
CA LEU C 267 -23.40 42.41 -13.44
C LEU C 267 -24.54 41.92 -14.29
N ALA C 268 -25.70 41.81 -13.65
CA ALA C 268 -26.93 41.37 -14.31
C ALA C 268 -27.00 41.91 -15.73
N THR C 269 -27.57 43.11 -15.87
CA THR C 269 -27.69 43.71 -17.18
C THR C 269 -26.35 43.83 -17.85
N LEU C 270 -25.55 44.78 -17.39
CA LEU C 270 -24.24 45.03 -17.98
C LEU C 270 -23.52 43.82 -18.62
N ALA C 271 -23.32 42.74 -17.88
CA ALA C 271 -22.64 41.59 -18.45
C ALA C 271 -23.28 41.15 -19.78
N THR C 272 -24.59 41.36 -19.89
CA THR C 272 -25.35 41.01 -21.09
C THR C 272 -25.22 42.12 -22.15
N ALA C 273 -25.35 43.36 -21.72
CA ALA C 273 -25.25 44.51 -22.61
C ALA C 273 -23.85 44.59 -23.13
N LEU C 274 -22.95 43.87 -22.47
CA LEU C 274 -21.56 43.81 -22.87
C LEU C 274 -21.42 42.50 -23.63
N SER C 275 -22.54 41.79 -23.76
CA SER C 275 -22.62 40.50 -24.44
C SER C 275 -21.53 39.60 -23.88
N GLU C 276 -21.51 39.48 -22.55
CA GLU C 276 -20.47 38.73 -21.84
C GLU C 276 -20.98 37.82 -20.71
N ASP C 277 -20.14 36.85 -20.30
CA ASP C 277 -20.45 35.90 -19.20
C ASP C 277 -20.35 36.62 -17.85
N PRO C 278 -21.48 37.04 -17.30
CA PRO C 278 -21.47 37.76 -16.02
C PRO C 278 -20.33 37.31 -15.09
N GLY C 279 -20.16 36.00 -14.97
CA GLY C 279 -19.10 35.53 -14.11
C GLY C 279 -17.78 35.99 -14.70
N THR C 280 -17.61 35.73 -16.00
CA THR C 280 -16.40 36.12 -16.68
C THR C 280 -16.15 37.62 -16.59
N LEU C 281 -17.21 38.41 -16.41
CA LEU C 281 -17.04 39.85 -16.29
C LEU C 281 -16.36 40.14 -14.97
N GLU C 282 -17.16 40.24 -13.93
CA GLU C 282 -16.66 40.52 -12.58
C GLU C 282 -15.43 39.71 -12.18
N GLU C 283 -15.19 38.61 -12.90
CA GLU C 283 -14.05 37.76 -12.62
C GLU C 283 -12.80 37.97 -13.49
N VAL C 284 -12.94 38.25 -14.78
CA VAL C 284 -11.72 38.43 -15.57
C VAL C 284 -11.52 39.79 -16.23
N HIS C 285 -12.27 40.78 -15.78
CA HIS C 285 -12.16 42.12 -16.32
C HIS C 285 -12.39 43.05 -15.19
N GLU C 286 -13.59 43.03 -14.59
CA GLU C 286 -13.90 43.92 -13.46
C GLU C 286 -12.73 44.10 -12.47
N PRO C 287 -11.92 43.03 -12.25
CA PRO C 287 -10.78 43.08 -11.34
C PRO C 287 -9.91 44.33 -11.47
N TYR C 288 -8.86 44.29 -12.30
CA TYR C 288 -7.97 45.43 -12.47
C TYR C 288 -8.71 46.74 -12.48
N LEU C 289 -9.76 46.79 -13.29
CA LEU C 289 -10.54 47.99 -13.34
C LEU C 289 -10.61 48.53 -11.92
N ILE C 290 -11.47 47.96 -11.07
CA ILE C 290 -11.57 48.42 -9.68
C ILE C 290 -10.24 48.81 -9.02
N ARG C 291 -9.30 47.87 -8.99
CA ARG C 291 -7.98 48.12 -8.41
C ARG C 291 -7.17 49.10 -9.25
N GLN C 292 -7.82 50.17 -9.68
CA GLN C 292 -7.19 51.20 -10.49
C GLN C 292 -8.18 52.33 -10.79
N GLY C 293 -8.50 53.10 -9.76
CA GLY C 293 -9.43 54.21 -9.87
C GLY C 293 -10.25 54.21 -11.14
N LEU C 294 -11.10 53.21 -11.29
CA LEU C 294 -11.94 53.07 -12.48
C LEU C 294 -13.32 52.50 -12.17
N LEU C 295 -13.36 51.20 -11.87
CA LEU C 295 -14.60 50.50 -11.57
C LEU C 295 -14.93 50.39 -10.09
N LYS C 296 -16.21 50.59 -9.76
CA LYS C 296 -16.68 50.52 -8.38
C LYS C 296 -17.94 49.67 -8.21
N ARG C 297 -17.82 48.63 -7.38
CA ARG C 297 -18.94 47.74 -7.09
C ARG C 297 -19.79 48.32 -5.97
N THR C 298 -21.03 48.63 -6.31
CA THR C 298 -22.02 49.23 -5.42
C THR C 298 -23.27 48.35 -5.31
N PRO C 299 -23.87 48.26 -4.10
CA PRO C 299 -25.07 47.46 -3.85
C PRO C 299 -26.18 47.83 -4.83
N ARG C 300 -25.95 48.90 -5.58
CA ARG C 300 -26.93 49.35 -6.57
C ARG C 300 -26.52 48.76 -7.91
N GLY C 301 -25.24 48.46 -8.02
CA GLY C 301 -24.70 47.88 -9.24
C GLY C 301 -23.32 48.48 -9.49
N ARG C 302 -22.68 48.13 -10.61
CA ARG C 302 -21.38 48.71 -10.93
C ARG C 302 -21.60 50.19 -11.21
N VAL C 303 -20.52 50.98 -11.27
CA VAL C 303 -20.58 52.41 -11.58
C VAL C 303 -19.21 52.90 -12.04
N ALA C 304 -19.17 53.95 -12.83
CA ALA C 304 -17.90 54.44 -13.31
C ALA C 304 -17.34 55.60 -12.47
N THR C 305 -16.14 55.42 -11.94
CA THR C 305 -15.52 56.47 -11.16
C THR C 305 -15.14 57.56 -12.16
N GLU C 306 -15.30 58.82 -11.78
CA GLU C 306 -14.98 59.91 -12.68
C GLU C 306 -13.68 59.65 -13.45
N LEU C 307 -12.62 59.32 -12.73
CA LEU C 307 -11.32 59.07 -13.35
C LEU C 307 -11.36 58.11 -14.52
N ALA C 308 -12.55 57.61 -14.83
CA ALA C 308 -12.72 56.67 -15.94
C ALA C 308 -13.14 57.42 -17.18
N ARG C 309 -14.23 58.17 -17.03
CA ARG C 309 -14.78 58.96 -18.12
C ARG C 309 -13.72 59.88 -18.72
N ARG C 310 -13.34 60.90 -17.96
CA ARG C 310 -12.33 61.84 -18.42
C ARG C 310 -11.11 61.10 -18.98
N HIS C 311 -10.82 59.93 -18.42
CA HIS C 311 -9.69 59.12 -18.87
C HIS C 311 -9.93 58.65 -20.30
N LEU C 312 -11.19 58.36 -20.61
CA LEU C 312 -11.64 57.88 -21.92
C LEU C 312 -11.79 56.35 -21.98
PG ANP D . -0.30 30.24 -11.24
O1G ANP D . -0.10 31.55 -10.43
O2G ANP D . -0.15 28.98 -10.41
O3G ANP D . -1.71 30.26 -11.95
PB ANP D . 2.52 30.26 -12.47
O1B ANP D . 3.10 29.98 -11.11
O2B ANP D . 2.93 29.34 -13.56
N3B ANP D . 0.83 30.26 -12.46
PA ANP D . 2.17 32.78 -14.03
O1A ANP D . 0.76 32.47 -14.33
O2A ANP D . 2.28 34.16 -13.55
O3A ANP D . 2.85 31.78 -12.91
O5' ANP D . 3.02 32.59 -15.42
C5' ANP D . 3.80 31.34 -15.79
C4' ANP D . 5.12 31.78 -16.51
O4' ANP D . 5.76 32.96 -15.91
C3' ANP D . 6.24 30.68 -16.58
O3' ANP D . 6.70 30.46 -17.92
C2' ANP D . 7.38 31.17 -15.61
O2' ANP D . 8.64 30.91 -16.22
C1' ANP D . 7.07 32.65 -15.39
N9 ANP D . 7.16 33.12 -13.95
C8 ANP D . 6.13 33.26 -13.02
N7 ANP D . 6.57 33.74 -11.83
C5 ANP D . 7.88 33.92 -11.99
C6 ANP D . 8.92 34.42 -11.09
N6 ANP D . 8.61 34.81 -9.85
N1 ANP D . 10.27 34.49 -11.54
C2 ANP D . 10.55 34.08 -12.86
N3 ANP D . 9.67 33.60 -13.77
C4 ANP D . 8.33 33.54 -13.28
#